data_4BRG
#
_entry.id   4BRG
#
_cell.length_a   62.186
_cell.length_b   86.166
_cell.length_c   71.878
_cell.angle_alpha   90.00
_cell.angle_beta   107.02
_cell.angle_gamma   90.00
#
_symmetry.space_group_name_H-M   'P 1 21 1'
#
loop_
_entity.id
_entity.type
_entity.pdbx_description
1 polymer 'ECTONUCLEOSIDE TRIPHOSPHATE DIPHOSPHOHYDROLASE I'
2 non-polymer 'PHOSPHOAMINOPHOSPHONIC ACID-GUANYLATE ESTER'
3 non-polymer 'MAGNESIUM ION'
4 non-polymer '2-(N-MORPHOLINO)-ETHANESULFONIC ACID'
5 non-polymer 'SODIUM ION'
6 non-polymer 'CHLORIDE ION'
7 water water
#
_entity_poly.entity_id   1
_entity_poly.type   'polypeptide(L)'
_entity_poly.pdbx_seq_one_letter_code
;MDTNPCEKHSCIAVIDAGSTGSRLHIYSYDTDDTNTPIHIEEIWNKKIKPGFASIQPNSVTIDAYLTMLLADAPIHNIPV
YFYATAGMRLLPQSQQKKYYDELDYWFRQQSQWQLVEAKTITGNDEALFDWLAVNYKLDTLKSVQNKSVGVMDMGGASVQ
IVFPMPKNAEISKHNQVELNIYGQNINLYVHSFLGLGQTEMSHQFLNSPSCFANDYPLPDGESGQGNAPSCKEEVTSLMN
SVHKVNQQIQPLLALNPVNEWYSIGGISNLASSQLFHFENSELTNQSLLQQGDNQICHQQWDILNGQYPDDEYLYQYCLL
SSYYYALMVDGYGINPNQTIHYIPPEQNLDWTIGVVLHRALEHHHHHH
;
_entity_poly.pdbx_strand_id   A,B
#
# COMPACT_ATOMS: atom_id res chain seq x y z
N MET A 1 -21.10 -20.90 -29.99
CA MET A 1 -21.66 -19.58 -29.50
C MET A 1 -22.47 -18.97 -30.63
N ASP A 2 -23.65 -18.45 -30.30
CA ASP A 2 -24.55 -17.96 -31.28
C ASP A 2 -24.12 -16.51 -31.60
N THR A 3 -24.61 -16.03 -32.75
CA THR A 3 -24.65 -14.60 -33.06
C THR A 3 -25.68 -13.98 -32.11
N ASN A 4 -25.32 -12.85 -31.53
CA ASN A 4 -26.20 -12.22 -30.55
C ASN A 4 -26.72 -13.21 -29.47
N PRO A 5 -25.79 -13.86 -28.76
CA PRO A 5 -26.16 -14.91 -27.83
C PRO A 5 -27.24 -14.50 -26.77
N CYS A 6 -27.28 -13.22 -26.39
CA CYS A 6 -28.14 -12.80 -25.29
C CYS A 6 -29.59 -12.61 -25.78
N GLU A 7 -29.77 -12.70 -27.09
CA GLU A 7 -31.09 -12.64 -27.67
C GLU A 7 -31.71 -14.04 -27.59
N LYS A 8 -30.86 -15.01 -27.24
CA LYS A 8 -31.24 -16.42 -27.28
C LYS A 8 -31.05 -17.20 -25.99
N HIS A 9 -30.34 -16.60 -25.05
CA HIS A 9 -30.01 -17.23 -23.76
C HIS A 9 -30.06 -16.21 -22.66
N SER A 10 -30.23 -16.64 -21.42
CA SER A 10 -30.06 -15.70 -20.36
C SER A 10 -28.65 -15.16 -20.27
N CYS A 11 -28.49 -13.88 -19.94
CA CYS A 11 -27.16 -13.26 -19.77
C CYS A 11 -27.15 -12.42 -18.51
N ILE A 12 -26.01 -12.43 -17.80
CA ILE A 12 -25.74 -11.45 -16.76
C ILE A 12 -24.33 -10.87 -16.86
N ALA A 13 -24.16 -9.66 -16.36
CA ALA A 13 -22.84 -9.02 -16.28
C ALA A 13 -22.32 -9.08 -14.90
N VAL A 14 -21.05 -9.51 -14.76
CA VAL A 14 -20.45 -9.53 -13.43
C VAL A 14 -19.16 -8.72 -13.55
N ILE A 15 -18.97 -7.75 -12.69
CA ILE A 15 -17.75 -6.91 -12.68
C ILE A 15 -16.93 -7.27 -11.48
N ASP A 16 -15.70 -7.73 -11.72
CA ASP A 16 -14.69 -7.91 -10.66
C ASP A 16 -13.96 -6.56 -10.52
N ALA A 17 -14.24 -5.79 -9.46
CA ALA A 17 -13.58 -4.50 -9.26
C ALA A 17 -12.47 -4.77 -8.29
N GLY A 18 -11.32 -5.21 -8.83
CA GLY A 18 -10.16 -5.61 -8.05
C GLY A 18 -9.26 -4.47 -7.74
N SER A 19 -8.24 -4.73 -6.93
CA SER A 19 -7.35 -3.65 -6.48
C SER A 19 -6.55 -3.06 -7.64
N THR A 20 -6.24 -3.81 -8.70
CA THR A 20 -5.42 -3.29 -9.79
C THR A 20 -6.20 -2.87 -11.02
N GLY A 21 -7.50 -3.17 -11.04
CA GLY A 21 -8.27 -2.91 -12.28
C GLY A 21 -9.66 -3.51 -12.14
N SER A 22 -10.53 -3.23 -13.12
CA SER A 22 -11.86 -3.81 -13.12
C SER A 22 -12.07 -4.65 -14.33
N ARG A 23 -12.80 -5.77 -14.20
CA ARG A 23 -13.03 -6.64 -15.35
C ARG A 23 -14.50 -6.93 -15.45
N LEU A 24 -15.07 -6.47 -16.56
CA LEU A 24 -16.46 -6.80 -16.86
C LEU A 24 -16.48 -8.11 -17.61
N HIS A 25 -17.32 -9.02 -17.15
CA HIS A 25 -17.61 -10.24 -17.88
C HIS A 25 -19.06 -10.28 -18.16
N ILE A 26 -19.43 -10.69 -19.38
CA ILE A 26 -20.86 -11.00 -19.66
C ILE A 26 -20.93 -12.50 -19.92
N TYR A 27 -21.80 -13.21 -19.22
CA TYR A 27 -21.98 -14.66 -19.33
C TYR A 27 -23.34 -14.92 -19.88
N SER A 28 -23.40 -15.80 -20.86
CA SER A 28 -24.65 -16.43 -21.25
C SER A 28 -24.74 -17.80 -20.56
N TYR A 29 -25.94 -18.26 -20.31
CA TYR A 29 -26.08 -19.57 -19.72
C TYR A 29 -27.50 -20.07 -20.00
N ASP A 30 -27.65 -21.39 -19.91
CA ASP A 30 -28.98 -22.00 -19.87
C ASP A 30 -29.24 -22.36 -18.42
N THR A 31 -30.43 -22.88 -18.12
CA THR A 31 -30.65 -23.32 -16.76
C THR A 31 -31.16 -24.76 -16.74
N ASP A 32 -30.78 -25.49 -15.70
CA ASP A 32 -31.32 -26.86 -15.54
C ASP A 32 -32.74 -26.83 -14.94
N ASP A 33 -33.24 -27.98 -14.46
CA ASP A 33 -34.61 -28.08 -13.92
C ASP A 33 -34.89 -27.27 -12.63
N THR A 34 -33.82 -26.79 -12.01
CA THR A 34 -33.95 -26.04 -10.76
C THR A 34 -33.64 -24.57 -11.01
N ASN A 35 -33.63 -24.20 -12.28
CA ASN A 35 -33.28 -22.84 -12.73
C ASN A 35 -31.86 -22.46 -12.28
N THR A 36 -30.98 -23.46 -12.17
CA THR A 36 -29.55 -23.28 -11.90
C THR A 36 -28.79 -23.16 -13.24
N PRO A 37 -27.81 -22.23 -13.29
CA PRO A 37 -27.14 -22.03 -14.58
C PRO A 37 -26.24 -23.21 -14.97
N ILE A 38 -26.28 -23.50 -16.25
CA ILE A 38 -25.44 -24.54 -16.85
C ILE A 38 -24.97 -23.93 -18.17
N HIS A 39 -23.97 -24.57 -18.76
CA HIS A 39 -23.49 -24.13 -20.06
CA HIS A 39 -23.36 -24.15 -20.01
C HIS A 39 -23.07 -22.64 -19.98
N ILE A 40 -22.35 -22.25 -18.94
CA ILE A 40 -21.94 -20.86 -18.77
C ILE A 40 -20.86 -20.53 -19.76
N GLU A 41 -21.06 -19.48 -20.56
CA GLU A 41 -20.06 -19.08 -21.52
C GLU A 41 -19.83 -17.62 -21.45
N GLU A 42 -18.56 -17.22 -21.48
CA GLU A 42 -18.23 -15.78 -21.49
C GLU A 42 -18.39 -15.27 -22.90
N ILE A 43 -19.30 -14.33 -23.08
CA ILE A 43 -19.54 -13.79 -24.42
C ILE A 43 -18.89 -12.44 -24.63
N TRP A 44 -18.40 -11.84 -23.55
CA TRP A 44 -17.70 -10.57 -23.66
C TRP A 44 -16.88 -10.38 -22.43
N ASN A 45 -15.73 -9.77 -22.63
CA ASN A 45 -15.10 -9.20 -21.47
C ASN A 45 -14.37 -7.94 -21.77
N LYS A 46 -14.15 -7.11 -20.75
CA LYS A 46 -13.33 -5.92 -20.95
C LYS A 46 -12.61 -5.66 -19.61
N LYS A 47 -11.30 -5.48 -19.68
CA LYS A 47 -10.47 -5.24 -18.50
C LYS A 47 -9.89 -3.86 -18.64
N ILE A 48 -10.07 -3.07 -17.60
CA ILE A 48 -9.49 -1.73 -17.52
C ILE A 48 -8.63 -1.59 -16.27
N LYS A 49 -7.75 -0.62 -16.32
CA LYS A 49 -6.95 -0.20 -15.19
C LYS A 49 -7.08 1.31 -15.06
N PRO A 50 -6.86 1.87 -13.85
CA PRO A 50 -6.49 1.24 -12.57
C PRO A 50 -7.73 0.75 -11.86
N GLY A 51 -7.56 0.40 -10.59
CA GLY A 51 -8.66 -0.10 -9.74
C GLY A 51 -9.67 1.02 -9.44
N PHE A 52 -10.90 0.62 -9.22
CA PHE A 52 -11.99 1.52 -8.92
C PHE A 52 -11.70 2.33 -7.66
N ALA A 53 -11.15 1.68 -6.62
CA ALA A 53 -10.84 2.36 -5.37
C ALA A 53 -9.74 3.41 -5.55
N SER A 54 -9.00 3.35 -6.69
CA SER A 54 -7.91 4.31 -6.84
CA SER A 54 -7.88 4.28 -6.97
C SER A 54 -8.32 5.64 -7.46
N ILE A 55 -9.56 5.72 -7.93
CA ILE A 55 -9.98 6.98 -8.53
C ILE A 55 -10.51 7.91 -7.46
N GLN A 56 -10.61 9.20 -7.80
CA GLN A 56 -11.25 10.15 -6.86
C GLN A 56 -12.75 10.08 -7.09
N PRO A 57 -13.52 9.81 -6.06
CA PRO A 57 -14.92 9.56 -6.36
C PRO A 57 -15.78 10.85 -6.46
N ASN A 58 -16.04 11.29 -7.69
CA ASN A 58 -17.03 12.34 -7.95
C ASN A 58 -17.73 11.94 -9.22
N SER A 59 -18.80 12.64 -9.58
CA SER A 59 -19.67 12.20 -10.68
C SER A 59 -18.88 12.20 -11.99
N VAL A 60 -17.90 13.10 -12.14
CA VAL A 60 -17.18 13.19 -13.39
C VAL A 60 -16.25 11.97 -13.58
N THR A 61 -15.45 11.68 -12.56
CA THR A 61 -14.51 10.58 -12.66
C THR A 61 -15.22 9.21 -12.65
N ILE A 62 -16.30 9.06 -11.87
CA ILE A 62 -17.08 7.82 -11.87
C ILE A 62 -17.70 7.61 -13.28
N ASP A 63 -18.30 8.67 -13.84
CA ASP A 63 -18.88 8.57 -15.20
C ASP A 63 -17.80 8.10 -16.17
N ALA A 64 -16.63 8.71 -16.12
CA ALA A 64 -15.62 8.40 -17.11
C ALA A 64 -15.20 6.93 -16.93
N TYR A 65 -15.09 6.48 -15.68
CA TYR A 65 -14.60 5.12 -15.40
C TYR A 65 -15.62 4.08 -15.86
N LEU A 66 -16.88 4.28 -15.47
CA LEU A 66 -17.91 3.33 -15.83
C LEU A 66 -18.19 3.37 -17.33
N THR A 67 -18.12 4.55 -17.97
CA THR A 67 -18.18 4.63 -19.43
C THR A 67 -17.07 3.77 -20.08
N MET A 68 -15.84 3.94 -19.62
CA MET A 68 -14.73 3.19 -20.14
C MET A 68 -14.94 1.66 -20.00
N LEU A 69 -15.49 1.25 -18.87
CA LEU A 69 -15.68 -0.15 -18.57
C LEU A 69 -16.84 -0.75 -19.39
N LEU A 70 -17.92 0.03 -19.59
CA LEU A 70 -19.20 -0.54 -20.00
C LEU A 70 -19.70 -0.17 -21.37
N ALA A 71 -19.33 1.03 -21.86
CA ALA A 71 -20.06 1.60 -23.00
C ALA A 71 -20.00 0.73 -24.26
N ASP A 72 -18.84 0.11 -24.50
CA ASP A 72 -18.69 -0.69 -25.74
C ASP A 72 -19.13 -2.15 -25.64
N ALA A 73 -19.72 -2.54 -24.50
CA ALA A 73 -20.25 -3.89 -24.40
C ALA A 73 -21.34 -4.12 -25.44
N PRO A 74 -21.44 -5.37 -25.95
CA PRO A 74 -22.36 -5.59 -27.09
C PRO A 74 -23.82 -5.71 -26.72
N ILE A 75 -24.09 -5.90 -25.45
CA ILE A 75 -25.44 -5.84 -24.94
C ILE A 75 -25.38 -5.15 -23.59
N HIS A 76 -26.38 -4.30 -23.29
CA HIS A 76 -26.44 -3.58 -22.01
C HIS A 76 -27.71 -3.90 -21.23
N ASN A 77 -28.74 -4.47 -21.86
CA ASN A 77 -30.03 -4.62 -21.12
C ASN A 77 -30.13 -5.92 -20.32
N ILE A 78 -29.23 -6.03 -19.34
CA ILE A 78 -29.05 -7.29 -18.55
C ILE A 78 -28.74 -6.92 -17.09
N PRO A 79 -28.98 -7.87 -16.16
CA PRO A 79 -28.61 -7.65 -14.78
C PRO A 79 -27.08 -7.43 -14.64
N VAL A 80 -26.69 -6.56 -13.72
CA VAL A 80 -25.27 -6.29 -13.42
C VAL A 80 -25.00 -6.51 -11.93
N TYR A 81 -23.93 -7.24 -11.64
CA TYR A 81 -23.40 -7.35 -10.32
C TYR A 81 -22.04 -6.73 -10.28
N PHE A 82 -21.89 -5.66 -9.51
CA PHE A 82 -20.60 -4.99 -9.37
C PHE A 82 -20.07 -5.31 -8.01
N TYR A 83 -18.99 -6.14 -7.96
CA TYR A 83 -18.46 -6.60 -6.68
C TYR A 83 -17.03 -6.17 -6.57
N ALA A 84 -16.75 -5.28 -5.61
CA ALA A 84 -15.38 -4.85 -5.36
C ALA A 84 -14.73 -5.71 -4.30
N THR A 85 -13.42 -5.85 -4.42
CA THR A 85 -12.65 -6.70 -3.53
C THR A 85 -11.67 -5.89 -2.66
N ALA A 86 -10.43 -6.35 -2.56
CA ALA A 86 -9.58 -5.82 -1.56
C ALA A 86 -9.15 -4.38 -1.68
N GLY A 87 -9.12 -3.83 -2.91
CA GLY A 87 -8.79 -2.38 -3.06
C GLY A 87 -9.81 -1.56 -2.28
N MET A 88 -11.11 -1.91 -2.33
CA MET A 88 -12.11 -1.13 -1.61
C MET A 88 -12.05 -1.48 -0.11
N ARG A 89 -11.69 -2.75 0.20
CA ARG A 89 -11.64 -3.13 1.63
CA ARG A 89 -11.59 -3.15 1.64
C ARG A 89 -10.55 -2.35 2.39
N LEU A 90 -9.58 -1.76 1.67
CA LEU A 90 -8.54 -0.97 2.35
C LEU A 90 -9.12 0.35 2.91
N LEU A 91 -10.33 0.71 2.48
CA LEU A 91 -10.98 2.02 2.82
C LEU A 91 -12.06 1.82 3.88
N PRO A 92 -12.23 2.79 4.80
CA PRO A 92 -13.35 2.68 5.74
C PRO A 92 -14.71 2.83 4.98
N GLN A 93 -15.79 2.32 5.57
CA GLN A 93 -17.12 2.37 4.96
C GLN A 93 -17.51 3.79 4.60
N SER A 94 -17.20 4.77 5.45
CA SER A 94 -17.58 6.16 5.14
CA SER A 94 -17.64 6.12 5.12
C SER A 94 -17.00 6.60 3.81
N GLN A 95 -15.78 6.17 3.52
CA GLN A 95 -15.13 6.54 2.23
C GLN A 95 -15.70 5.70 1.07
N GLN A 96 -15.92 4.41 1.31
CA GLN A 96 -16.50 3.59 0.29
C GLN A 96 -17.84 4.11 -0.18
N LYS A 97 -18.60 4.64 0.76
CA LYS A 97 -19.98 5.08 0.48
C LYS A 97 -19.96 6.10 -0.63
N LYS A 98 -18.96 7.00 -0.63
CA LYS A 98 -18.88 8.03 -1.68
C LYS A 98 -18.88 7.37 -3.06
N TYR A 99 -18.07 6.32 -3.22
CA TYR A 99 -17.99 5.63 -4.49
C TYR A 99 -19.34 5.00 -4.86
N TYR A 100 -19.99 4.29 -3.92
CA TYR A 100 -21.21 3.58 -4.28
C TYR A 100 -22.36 4.56 -4.50
N ASP A 101 -22.39 5.70 -3.78
CA ASP A 101 -23.45 6.67 -4.01
C ASP A 101 -23.33 7.23 -5.44
N GLU A 102 -22.11 7.50 -5.88
CA GLU A 102 -21.93 7.99 -7.25
C GLU A 102 -22.25 6.90 -8.28
N LEU A 103 -21.78 5.69 -8.03
CA LEU A 103 -22.02 4.53 -8.94
C LEU A 103 -23.53 4.33 -9.06
N ASP A 104 -24.23 4.33 -7.91
CA ASP A 104 -25.67 4.08 -7.93
C ASP A 104 -26.37 5.14 -8.79
N TYR A 105 -25.96 6.38 -8.62
CA TYR A 105 -26.55 7.51 -9.31
C TYR A 105 -26.33 7.27 -10.81
N TRP A 106 -25.11 6.92 -11.20
CA TRP A 106 -24.81 6.71 -12.61
C TRP A 106 -25.74 5.66 -13.24
N PHE A 107 -25.87 4.51 -12.57
CA PHE A 107 -26.78 3.49 -13.05
C PHE A 107 -28.25 3.96 -13.12
N ARG A 108 -28.67 4.82 -12.22
CA ARG A 108 -30.04 5.35 -12.24
C ARG A 108 -30.27 6.33 -13.37
N GLN A 109 -29.20 6.94 -13.89
CA GLN A 109 -29.31 7.94 -15.01
C GLN A 109 -29.39 7.30 -16.37
N GLN A 110 -29.32 5.99 -16.42
CA GLN A 110 -29.37 5.37 -17.75
C GLN A 110 -30.47 4.31 -17.71
N SER A 111 -30.76 3.71 -18.86
CA SER A 111 -32.00 2.93 -18.88
C SER A 111 -31.85 1.54 -19.49
N GLN A 112 -30.59 1.05 -19.53
CA GLN A 112 -30.31 -0.26 -20.09
C GLN A 112 -29.79 -1.22 -19.07
N TRP A 113 -28.60 -0.97 -18.53
CA TRP A 113 -28.06 -1.89 -17.53
C TRP A 113 -29.00 -1.98 -16.34
N GLN A 114 -29.17 -3.18 -15.79
CA GLN A 114 -30.11 -3.39 -14.66
C GLN A 114 -29.25 -3.68 -13.44
N LEU A 115 -28.92 -2.66 -12.65
CA LEU A 115 -27.98 -2.91 -11.57
C LEU A 115 -28.66 -3.70 -10.45
N VAL A 116 -28.13 -4.85 -10.08
CA VAL A 116 -28.73 -5.64 -9.03
C VAL A 116 -28.01 -5.42 -7.71
N GLU A 117 -26.69 -5.48 -7.74
CA GLU A 117 -25.89 -5.20 -6.55
C GLU A 117 -24.66 -4.42 -6.94
N ALA A 118 -24.25 -3.50 -6.07
CA ALA A 118 -22.92 -2.86 -6.19
C ALA A 118 -22.42 -2.71 -4.78
N LYS A 119 -21.40 -3.49 -4.42
CA LYS A 119 -20.98 -3.50 -3.04
C LYS A 119 -19.59 -4.08 -2.97
N THR A 120 -18.98 -3.90 -1.81
CA THR A 120 -17.68 -4.56 -1.51
C THR A 120 -18.02 -5.89 -0.88
N ILE A 121 -17.47 -6.96 -1.43
CA ILE A 121 -17.71 -8.30 -0.80
C ILE A 121 -16.56 -8.56 0.17
N THR A 122 -16.80 -9.42 1.18
CA THR A 122 -15.69 -9.75 2.09
C THR A 122 -14.72 -10.70 1.37
N GLY A 123 -13.50 -10.78 1.91
CA GLY A 123 -12.52 -11.78 1.42
C GLY A 123 -13.08 -13.20 1.48
N ASN A 124 -13.91 -13.49 2.49
CA ASN A 124 -14.53 -14.82 2.59
C ASN A 124 -15.53 -15.10 1.46
N ASP A 125 -16.36 -14.10 1.09
CA ASP A 125 -17.28 -14.22 -0.06
C ASP A 125 -16.44 -14.43 -1.36
N GLU A 126 -15.39 -13.64 -1.48
CA GLU A 126 -14.52 -13.73 -2.66
C GLU A 126 -13.90 -15.14 -2.77
N ALA A 127 -13.45 -15.67 -1.61
CA ALA A 127 -12.89 -17.03 -1.61
C ALA A 127 -13.91 -18.07 -2.07
N LEU A 128 -15.17 -17.95 -1.62
CA LEU A 128 -16.20 -18.88 -2.12
C LEU A 128 -16.26 -18.80 -3.65
N PHE A 129 -16.35 -17.58 -4.19
CA PHE A 129 -16.45 -17.42 -5.65
C PHE A 129 -15.19 -18.00 -6.32
N ASP A 130 -14.01 -17.78 -5.71
CA ASP A 130 -12.76 -18.34 -6.26
C ASP A 130 -12.91 -19.87 -6.45
N TRP A 131 -13.40 -20.52 -5.41
CA TRP A 131 -13.52 -22.00 -5.43
C TRP A 131 -14.55 -22.45 -6.46
N LEU A 132 -15.71 -21.79 -6.47
CA LEU A 132 -16.72 -22.12 -7.45
C LEU A 132 -16.24 -21.93 -8.89
N ALA A 133 -15.56 -20.82 -9.16
CA ALA A 133 -15.15 -20.54 -10.51
C ALA A 133 -14.17 -21.60 -11.03
N VAL A 134 -13.17 -21.94 -10.20
CA VAL A 134 -12.13 -22.89 -10.61
C VAL A 134 -12.76 -24.29 -10.76
N ASN A 135 -13.57 -24.68 -9.79
CA ASN A 135 -14.20 -25.98 -9.91
C ASN A 135 -15.21 -26.08 -11.06
N TYR A 136 -15.90 -24.97 -11.37
CA TYR A 136 -16.73 -25.02 -12.55
C TYR A 136 -15.89 -25.32 -13.80
N LYS A 137 -14.74 -24.65 -13.90
CA LYS A 137 -13.90 -24.82 -15.09
C LYS A 137 -13.29 -26.23 -15.17
N LEU A 138 -12.99 -26.83 -14.01
CA LEU A 138 -12.45 -28.20 -13.96
C LEU A 138 -13.52 -29.27 -14.09
N ASP A 139 -14.79 -28.86 -14.12
CA ASP A 139 -15.93 -29.78 -14.27
C ASP A 139 -16.05 -30.71 -13.08
N THR A 140 -15.78 -30.20 -11.87
CA THR A 140 -15.92 -31.04 -10.66
C THR A 140 -17.16 -30.77 -9.83
N LEU A 141 -18.04 -29.85 -10.25
CA LEU A 141 -19.24 -29.58 -9.44
C LEU A 141 -20.45 -30.52 -9.65
N LYS A 142 -20.54 -31.23 -10.79
CA LYS A 142 -21.81 -31.91 -11.15
C LYS A 142 -22.06 -33.11 -10.23
N SER A 143 -20.98 -33.82 -9.88
CA SER A 143 -21.05 -35.02 -9.02
C SER A 143 -20.07 -34.96 -7.85
N VAL A 144 -20.34 -35.80 -6.84
CA VAL A 144 -19.56 -35.82 -5.59
C VAL A 144 -18.11 -36.27 -5.85
N GLN A 145 -17.16 -35.59 -5.23
CA GLN A 145 -15.78 -35.71 -5.66
C GLN A 145 -14.92 -36.75 -4.96
N ASN A 146 -14.27 -37.59 -5.77
CA ASN A 146 -13.29 -38.57 -5.31
C ASN A 146 -12.12 -37.91 -4.57
N LYS A 147 -12.00 -36.59 -4.70
CA LYS A 147 -10.85 -35.87 -4.18
C LYS A 147 -11.12 -34.43 -3.77
N SER A 148 -10.24 -33.95 -2.94
CA SER A 148 -10.36 -32.58 -2.42
CA SER A 148 -10.38 -32.60 -2.43
C SER A 148 -9.56 -31.61 -3.30
N VAL A 149 -10.23 -30.60 -3.81
CA VAL A 149 -9.63 -29.55 -4.59
C VAL A 149 -9.51 -28.27 -3.75
N GLY A 150 -8.31 -27.70 -3.59
CA GLY A 150 -8.13 -26.45 -2.87
C GLY A 150 -7.81 -25.40 -3.90
N VAL A 151 -8.21 -24.16 -3.62
CA VAL A 151 -7.98 -23.07 -4.60
C VAL A 151 -7.31 -21.94 -3.80
N MET A 152 -6.31 -21.32 -4.44
CA MET A 152 -5.67 -20.10 -3.93
C MET A 152 -5.90 -19.03 -4.99
N ASP A 153 -6.20 -17.83 -4.54
CA ASP A 153 -6.26 -16.63 -5.44
C ASP A 153 -5.25 -15.67 -4.95
N MET A 154 -4.25 -15.45 -5.81
CA MET A 154 -3.08 -14.64 -5.44
C MET A 154 -3.32 -13.22 -6.01
N GLY A 155 -4.07 -12.38 -5.30
CA GLY A 155 -4.41 -11.06 -5.84
C GLY A 155 -3.39 -10.01 -5.52
N GLY A 156 -3.72 -8.78 -5.89
CA GLY A 156 -2.85 -7.60 -5.68
C GLY A 156 -2.88 -7.06 -4.26
N ALA A 157 -4.05 -7.14 -3.57
CA ALA A 157 -4.13 -6.61 -2.18
C ALA A 157 -4.50 -7.63 -1.15
N SER A 158 -5.21 -8.69 -1.55
CA SER A 158 -5.44 -9.79 -0.62
C SER A 158 -5.10 -11.11 -1.35
N VAL A 159 -4.97 -12.17 -0.55
CA VAL A 159 -4.89 -13.55 -1.06
C VAL A 159 -5.99 -14.35 -0.39
N GLN A 160 -6.56 -15.26 -1.17
CA GLN A 160 -7.58 -16.15 -0.59
C GLN A 160 -7.08 -17.57 -0.62
N ILE A 161 -7.53 -18.35 0.36
CA ILE A 161 -7.36 -19.80 0.35
C ILE A 161 -8.73 -20.43 0.68
N VAL A 162 -9.06 -21.52 0.00
CA VAL A 162 -10.37 -22.17 0.20
C VAL A 162 -10.22 -23.64 -0.09
N PHE A 163 -10.80 -24.48 0.81
CA PHE A 163 -10.71 -25.93 0.61
C PHE A 163 -11.82 -26.61 1.38
N PRO A 164 -12.18 -27.83 0.99
CA PRO A 164 -13.28 -28.54 1.67
C PRO A 164 -12.96 -28.76 3.14
N MET A 165 -13.95 -28.58 4.02
CA MET A 165 -13.74 -28.85 5.45
C MET A 165 -15.12 -29.05 6.03
N PRO A 166 -15.36 -30.20 6.72
CA PRO A 166 -16.66 -30.33 7.41
C PRO A 166 -16.88 -29.21 8.41
N LYS A 167 -18.13 -28.89 8.70
CA LYS A 167 -18.41 -27.84 9.68
C LYS A 167 -17.71 -28.13 11.00
N ASN A 168 -17.14 -27.06 11.57
CA ASN A 168 -16.43 -27.10 12.84
C ASN A 168 -16.96 -25.97 13.70
N ALA A 169 -17.70 -26.27 14.78
CA ALA A 169 -18.29 -25.23 15.60
C ALA A 169 -17.27 -24.47 16.43
N GLU A 170 -16.01 -24.91 16.38
CA GLU A 170 -14.91 -24.21 17.08
C GLU A 170 -14.27 -23.10 16.23
N ILE A 171 -14.61 -23.08 14.95
CA ILE A 171 -14.04 -22.12 14.00
C ILE A 171 -15.09 -21.05 13.71
N SER A 172 -14.68 -19.77 13.56
CA SER A 172 -15.61 -18.69 13.15
C SER A 172 -16.58 -19.10 12.04
N LYS A 173 -17.84 -18.72 12.17
CA LYS A 173 -18.85 -18.90 11.12
C LYS A 173 -18.44 -18.18 9.86
N HIS A 174 -17.69 -17.07 10.00
CA HIS A 174 -17.29 -16.26 8.85
C HIS A 174 -16.33 -17.04 7.95
N ASN A 175 -15.58 -18.02 8.51
CA ASN A 175 -14.57 -18.77 7.72
C ASN A 175 -15.11 -20.09 7.19
N GLN A 176 -16.43 -20.28 7.21
CA GLN A 176 -17.04 -21.51 6.76
C GLN A 176 -18.24 -21.24 5.91
N VAL A 177 -18.44 -22.03 4.85
CA VAL A 177 -19.62 -21.84 4.03
CA VAL A 177 -19.57 -21.84 3.93
C VAL A 177 -20.15 -23.19 3.59
N GLU A 178 -21.47 -23.33 3.67
CA GLU A 178 -22.13 -24.54 3.24
C GLU A 178 -22.96 -24.09 2.06
N LEU A 179 -22.90 -24.86 0.99
CA LEU A 179 -23.75 -24.57 -0.16
C LEU A 179 -24.21 -25.87 -0.82
N ASN A 180 -25.27 -25.75 -1.64
CA ASN A 180 -25.87 -26.88 -2.29
C ASN A 180 -25.94 -26.47 -3.74
N ILE A 181 -25.22 -27.18 -4.57
CA ILE A 181 -25.22 -26.83 -5.98
C ILE A 181 -25.23 -28.08 -6.79
N TYR A 182 -25.98 -28.06 -7.88
CA TYR A 182 -26.21 -29.27 -8.67
C TYR A 182 -26.59 -30.44 -7.76
N GLY A 183 -27.44 -30.15 -6.78
CA GLY A 183 -27.96 -31.16 -5.84
C GLY A 183 -26.93 -31.76 -4.91
N GLN A 184 -25.76 -31.13 -4.81
CA GLN A 184 -24.82 -31.59 -3.81
C GLN A 184 -24.50 -30.56 -2.74
N ASN A 185 -24.32 -31.09 -1.54
CA ASN A 185 -23.99 -30.31 -0.35
C ASN A 185 -22.48 -30.18 -0.20
N ILE A 186 -21.94 -28.96 -0.10
CA ILE A 186 -20.49 -28.78 -0.08
C ILE A 186 -20.20 -27.90 1.12
N ASN A 187 -19.21 -28.28 1.93
CA ASN A 187 -18.75 -27.45 3.06
C ASN A 187 -17.33 -27.02 2.83
N LEU A 188 -17.09 -25.72 2.90
CA LEU A 188 -15.76 -25.18 2.63
C LEU A 188 -15.25 -24.33 3.78
N TYR A 189 -13.94 -24.39 4.01
CA TYR A 189 -13.24 -23.38 4.81
C TYR A 189 -12.78 -22.27 3.84
N VAL A 190 -12.97 -21.01 4.25
CA VAL A 190 -12.56 -19.87 3.45
C VAL A 190 -11.76 -18.91 4.30
N HIS A 191 -10.72 -18.32 3.72
CA HIS A 191 -9.99 -17.25 4.44
C HIS A 191 -9.33 -16.33 3.46
N SER A 192 -9.30 -15.04 3.79
CA SER A 192 -8.62 -14.06 2.95
C SER A 192 -7.68 -13.33 3.88
N PHE A 193 -6.53 -12.91 3.36
CA PHE A 193 -5.53 -12.19 4.13
C PHE A 193 -5.32 -10.83 3.47
N LEU A 194 -5.94 -9.81 4.03
CA LEU A 194 -5.85 -8.45 3.50
C LEU A 194 -4.46 -7.88 3.77
N GLY A 195 -3.83 -7.26 2.77
CA GLY A 195 -2.48 -6.72 2.95
C GLY A 195 -1.43 -7.71 2.44
N LEU A 196 -1.80 -8.99 2.27
CA LEU A 196 -0.81 -10.00 1.78
C LEU A 196 -0.87 -10.23 0.30
N GLY A 197 -1.69 -9.47 -0.44
CA GLY A 197 -1.62 -9.50 -1.88
C GLY A 197 -0.26 -8.95 -2.33
N GLN A 198 0.08 -9.26 -3.59
CA GLN A 198 1.39 -9.00 -4.11
C GLN A 198 1.79 -7.50 -4.06
N THR A 199 0.90 -6.61 -4.50
CA THR A 199 1.26 -5.19 -4.51
C THR A 199 1.43 -4.67 -3.11
N GLU A 200 0.48 -4.97 -2.22
CA GLU A 200 0.55 -4.44 -0.88
C GLU A 200 1.77 -4.99 -0.12
N MET A 201 1.96 -6.29 -0.20
CA MET A 201 3.06 -6.86 0.58
CA MET A 201 3.10 -7.00 0.47
C MET A 201 4.43 -6.34 0.04
N SER A 202 4.52 -6.06 -1.29
CA SER A 202 5.80 -5.68 -1.82
C SER A 202 6.27 -4.36 -1.21
N HIS A 203 5.32 -3.53 -0.77
CA HIS A 203 5.69 -2.22 -0.20
C HIS A 203 6.44 -2.31 1.10
N GLN A 204 6.53 -3.53 1.69
CA GLN A 204 7.32 -3.69 2.93
C GLN A 204 8.76 -4.12 2.65
N PHE A 205 9.10 -4.42 1.38
CA PHE A 205 10.43 -5.09 1.07
C PHE A 205 11.19 -4.36 0.00
N LEU A 206 10.78 -3.11 -0.36
CA LEU A 206 11.45 -2.48 -1.50
C LEU A 206 12.92 -2.11 -1.28
N ASN A 207 13.29 -1.97 -0.01
CA ASN A 207 14.68 -1.67 0.35
C ASN A 207 15.40 -2.88 0.91
N SER A 208 14.95 -4.09 0.57
CA SER A 208 15.64 -5.32 1.02
C SER A 208 16.55 -5.79 -0.13
N PRO A 209 17.89 -5.66 0.00
CA PRO A 209 18.74 -6.02 -1.14
C PRO A 209 18.60 -7.51 -1.50
N SER A 210 18.29 -8.39 -0.55
CA SER A 210 18.15 -9.82 -0.86
CA SER A 210 18.17 -9.81 -0.87
C SER A 210 16.99 -10.11 -1.77
N CYS A 211 16.05 -9.14 -1.90
CA CYS A 211 14.85 -9.40 -2.67
C CYS A 211 14.92 -8.91 -4.14
N PHE A 212 16.11 -8.43 -4.57
CA PHE A 212 16.20 -7.85 -5.92
C PHE A 212 17.46 -8.33 -6.62
N ALA A 213 17.47 -8.33 -7.98
CA ALA A 213 18.65 -8.76 -8.71
C ALA A 213 19.87 -7.93 -8.33
N ASN A 214 21.02 -8.52 -8.56
CA ASN A 214 22.28 -7.81 -8.26
C ASN A 214 22.32 -6.46 -8.99
N ASP A 215 22.66 -5.43 -8.23
CA ASP A 215 22.82 -4.08 -8.73
C ASP A 215 21.50 -3.45 -9.16
N TYR A 216 20.37 -4.05 -8.84
CA TYR A 216 19.11 -3.31 -9.05
C TYR A 216 19.15 -2.07 -8.14
N PRO A 217 18.74 -0.89 -8.67
CA PRO A 217 18.84 0.32 -7.81
C PRO A 217 17.62 0.42 -6.86
N LEU A 218 17.84 0.12 -5.60
CA LEU A 218 16.76 0.23 -4.61
C LEU A 218 16.38 1.71 -4.39
N PRO A 219 15.15 1.99 -3.86
CA PRO A 219 14.75 3.39 -3.73
C PRO A 219 15.67 4.17 -2.74
N ASP A 220 16.25 3.52 -1.73
CA ASP A 220 17.10 4.21 -0.74
C ASP A 220 18.48 4.46 -1.24
N GLY A 221 18.78 4.05 -2.47
CA GLY A 221 20.11 4.28 -3.00
C GLY A 221 21.07 3.11 -2.81
N GLU A 222 20.68 2.05 -2.09
CA GLU A 222 21.52 0.85 -2.01
C GLU A 222 21.28 0.01 -3.26
N SER A 223 22.06 -1.08 -3.39
N SER A 223 22.06 -1.07 -3.43
CA SER A 223 22.01 -1.97 -4.54
CA SER A 223 21.87 -1.90 -4.60
C SER A 223 21.40 -3.34 -4.20
C SER A 223 21.41 -3.31 -4.24
N GLY A 224 20.66 -3.91 -5.15
CA GLY A 224 20.22 -5.29 -5.05
C GLY A 224 21.37 -6.22 -4.86
N GLN A 225 21.15 -7.26 -4.04
CA GLN A 225 22.14 -8.34 -3.93
CA GLN A 225 22.14 -8.35 -3.95
C GLN A 225 21.30 -9.57 -3.61
N GLY A 226 20.68 -10.13 -4.63
CA GLY A 226 19.57 -11.04 -4.41
C GLY A 226 19.96 -12.37 -3.80
N ASN A 227 19.07 -12.90 -2.98
CA ASN A 227 19.28 -14.24 -2.46
C ASN A 227 17.91 -14.73 -2.05
N ALA A 228 17.33 -15.62 -2.83
CA ALA A 228 15.91 -15.91 -2.60
C ALA A 228 15.66 -16.53 -1.22
N PRO A 229 16.53 -17.46 -0.76
CA PRO A 229 16.25 -18.00 0.60
C PRO A 229 16.24 -16.88 1.67
N SER A 230 17.14 -15.88 1.54
CA SER A 230 17.14 -14.79 2.55
C SER A 230 15.86 -13.91 2.35
N CYS A 231 15.46 -13.60 1.12
CA CYS A 231 14.28 -12.78 0.87
C CYS A 231 13.03 -13.53 1.39
N LYS A 232 12.97 -14.83 1.14
CA LYS A 232 11.84 -15.65 1.60
C LYS A 232 11.72 -15.57 3.14
N GLU A 233 12.83 -15.63 3.89
CA GLU A 233 12.75 -15.54 5.37
C GLU A 233 12.20 -14.19 5.74
N GLU A 234 12.55 -13.11 5.02
CA GLU A 234 11.99 -11.75 5.39
C GLU A 234 10.44 -11.77 5.18
N VAL A 235 10.01 -12.34 4.07
CA VAL A 235 8.56 -12.35 3.76
C VAL A 235 7.86 -13.24 4.79
N THR A 236 8.50 -14.39 5.13
CA THR A 236 7.86 -15.30 6.12
C THR A 236 7.64 -14.55 7.44
N SER A 237 8.50 -13.60 7.81
CA SER A 237 8.26 -12.85 9.05
CA SER A 237 8.24 -12.87 9.06
C SER A 237 6.95 -12.05 8.96
N LEU A 238 6.68 -11.49 7.79
CA LEU A 238 5.34 -10.78 7.59
C LEU A 238 4.19 -11.78 7.66
N MET A 239 4.36 -12.94 7.02
CA MET A 239 3.28 -13.97 6.99
C MET A 239 2.95 -14.45 8.39
N ASN A 240 3.99 -14.77 9.15
CA ASN A 240 3.78 -15.52 10.39
C ASN A 240 3.93 -14.66 11.65
N SER A 241 4.99 -13.82 11.77
CA SER A 241 5.19 -13.02 12.98
C SER A 241 4.12 -11.95 13.03
N VAL A 242 3.72 -11.42 11.86
CA VAL A 242 2.68 -10.34 11.82
C VAL A 242 1.26 -10.98 11.63
N HIS A 243 1.00 -11.64 10.49
CA HIS A 243 -0.35 -12.10 10.23
C HIS A 243 -0.73 -13.46 10.82
N LYS A 244 0.23 -14.20 11.37
CA LYS A 244 -0.10 -15.53 11.96
CA LYS A 244 -0.05 -15.55 11.94
C LYS A 244 -0.76 -16.46 10.95
N VAL A 245 -0.30 -16.43 9.67
CA VAL A 245 -0.90 -17.30 8.64
C VAL A 245 -0.80 -18.78 9.05
N ASN A 246 0.38 -19.15 9.53
CA ASN A 246 0.61 -20.59 9.75
C ASN A 246 -0.27 -21.06 10.89
N GLN A 247 -0.36 -20.27 11.94
CA GLN A 247 -1.15 -20.67 13.11
C GLN A 247 -2.64 -20.83 12.74
N GLN A 248 -3.11 -20.06 11.79
CA GLN A 248 -4.52 -20.11 11.41
C GLN A 248 -4.81 -21.22 10.43
N ILE A 249 -3.89 -21.44 9.48
CA ILE A 249 -4.18 -22.35 8.35
C ILE A 249 -3.66 -23.76 8.57
N GLN A 250 -2.41 -23.86 9.01
CA GLN A 250 -1.77 -25.18 9.02
C GLN A 250 -2.56 -26.23 9.83
N PRO A 251 -3.06 -25.88 11.04
CA PRO A 251 -3.77 -26.96 11.78
C PRO A 251 -4.98 -27.53 11.02
N LEU A 252 -5.66 -26.68 10.23
CA LEU A 252 -6.85 -27.10 9.48
C LEU A 252 -6.48 -27.92 8.25
N LEU A 253 -5.49 -27.39 7.51
CA LEU A 253 -5.05 -28.10 6.31
C LEU A 253 -4.44 -29.50 6.66
N ALA A 254 -3.69 -29.61 7.77
CA ALA A 254 -3.14 -30.90 8.20
C ALA A 254 -4.22 -31.96 8.38
N LEU A 255 -5.42 -31.55 8.87
CA LEU A 255 -6.56 -32.44 9.17
C LEU A 255 -7.58 -32.57 8.00
N ASN A 256 -7.41 -31.75 6.95
CA ASN A 256 -8.33 -31.71 5.82
C ASN A 256 -7.50 -31.59 4.53
N PRO A 257 -6.71 -32.65 4.24
CA PRO A 257 -5.74 -32.49 3.17
C PRO A 257 -6.39 -32.29 1.83
N VAL A 258 -5.68 -31.52 1.04
CA VAL A 258 -6.10 -31.16 -0.26
C VAL A 258 -5.28 -32.06 -1.16
N ASN A 259 -5.97 -32.78 -2.03
CA ASN A 259 -5.32 -33.60 -3.07
C ASN A 259 -4.79 -32.86 -4.32
N GLU A 260 -5.48 -31.78 -4.73
CA GLU A 260 -5.07 -31.04 -5.88
C GLU A 260 -5.22 -29.57 -5.56
N TRP A 261 -4.17 -28.78 -5.75
CA TRP A 261 -4.16 -27.33 -5.60
C TRP A 261 -4.22 -26.65 -6.90
N TYR A 262 -5.09 -25.64 -6.98
CA TYR A 262 -5.18 -24.79 -8.16
C TYR A 262 -5.03 -23.38 -7.71
N SER A 263 -4.35 -22.58 -8.51
N SER A 263 -4.34 -22.58 -8.51
CA SER A 263 -4.16 -21.16 -8.20
CA SER A 263 -4.23 -21.16 -8.19
C SER A 263 -4.58 -20.28 -9.36
C SER A 263 -4.59 -20.30 -9.36
N ILE A 264 -5.19 -19.16 -9.03
CA ILE A 264 -5.43 -18.10 -10.02
C ILE A 264 -4.77 -16.81 -9.50
N GLY A 265 -4.84 -15.74 -10.28
CA GLY A 265 -4.18 -14.51 -9.90
C GLY A 265 -2.74 -14.44 -10.33
N GLY A 266 -1.91 -13.76 -9.55
CA GLY A 266 -0.53 -13.44 -9.96
C GLY A 266 0.43 -14.52 -10.30
N ILE A 267 0.26 -15.68 -9.69
CA ILE A 267 1.22 -16.72 -9.88
C ILE A 267 1.23 -17.18 -11.37
N SER A 268 0.07 -17.21 -12.00
CA SER A 268 -0.06 -17.54 -13.43
C SER A 268 0.82 -16.58 -14.26
N ASN A 269 0.82 -15.28 -13.98
CA ASN A 269 1.64 -14.34 -14.75
C ASN A 269 3.10 -14.56 -14.48
N LEU A 270 3.46 -14.78 -13.22
CA LEU A 270 4.88 -15.01 -12.93
C LEU A 270 5.37 -16.31 -13.63
N ALA A 271 4.59 -17.39 -13.48
CA ALA A 271 5.08 -18.71 -13.81
C ALA A 271 5.20 -18.85 -15.28
N SER A 272 4.52 -17.99 -16.05
CA SER A 272 4.57 -17.99 -17.49
CA SER A 272 4.65 -18.08 -17.50
C SER A 272 5.73 -17.16 -18.13
N SER A 273 6.48 -16.40 -17.33
CA SER A 273 7.66 -15.66 -17.86
C SER A 273 8.61 -16.70 -18.42
N GLN A 274 9.32 -16.32 -19.49
CA GLN A 274 10.23 -17.30 -20.11
C GLN A 274 11.51 -17.46 -19.31
N LEU A 275 11.70 -16.67 -18.24
CA LEU A 275 12.82 -16.91 -17.33
C LEU A 275 12.61 -18.25 -16.57
N PHE A 276 11.35 -18.73 -16.49
CA PHE A 276 11.07 -19.95 -15.73
C PHE A 276 10.87 -21.12 -16.68
N HIS A 277 11.06 -22.31 -16.13
CA HIS A 277 10.92 -23.57 -16.88
C HIS A 277 9.94 -24.41 -16.12
N PHE A 278 8.69 -24.40 -16.55
CA PHE A 278 7.63 -25.28 -15.97
C PHE A 278 6.95 -26.00 -17.09
N GLU A 279 6.30 -27.09 -16.78
CA GLU A 279 5.56 -27.92 -17.76
C GLU A 279 4.13 -28.13 -17.25
N ASN A 280 3.18 -28.31 -18.15
CA ASN A 280 1.83 -28.76 -17.86
C ASN A 280 1.08 -27.73 -16.97
N SER A 281 1.41 -26.44 -17.09
CA SER A 281 0.78 -25.33 -16.31
C SER A 281 0.78 -25.74 -14.81
N GLU A 282 1.91 -26.24 -14.31
CA GLU A 282 2.00 -26.49 -12.88
C GLU A 282 3.42 -26.21 -12.43
N LEU A 283 3.58 -26.03 -11.12
CA LEU A 283 4.92 -25.79 -10.58
C LEU A 283 4.99 -26.43 -9.24
N THR A 284 6.20 -26.47 -8.68
CA THR A 284 6.30 -26.70 -7.24
C THR A 284 6.95 -25.48 -6.58
N ASN A 285 6.71 -25.25 -5.29
CA ASN A 285 7.35 -24.14 -4.59
C ASN A 285 8.87 -24.26 -4.58
N GLN A 286 9.37 -25.48 -4.42
N GLN A 286 9.37 -25.49 -4.37
CA GLN A 286 10.83 -25.61 -4.39
CA GLN A 286 10.81 -25.75 -4.41
C GLN A 286 11.41 -25.20 -5.72
C GLN A 286 11.39 -25.21 -5.72
N SER A 287 10.76 -25.59 -6.82
CA SER A 287 11.29 -25.27 -8.19
C SER A 287 11.18 -23.74 -8.42
N LEU A 288 10.04 -23.16 -8.00
CA LEU A 288 9.88 -21.74 -8.17
C LEU A 288 10.97 -20.97 -7.42
N LEU A 289 11.23 -21.33 -6.17
CA LEU A 289 12.21 -20.60 -5.40
C LEU A 289 13.65 -20.76 -6.00
N GLN A 290 13.97 -22.00 -6.38
CA GLN A 290 15.30 -22.26 -6.95
C GLN A 290 15.49 -21.47 -8.24
N GLN A 291 14.47 -21.48 -9.08
CA GLN A 291 14.54 -20.77 -10.40
C GLN A 291 14.57 -19.28 -10.20
N GLY A 292 13.78 -18.74 -9.26
CA GLY A 292 13.91 -17.27 -9.01
C GLY A 292 15.27 -16.94 -8.48
N ASP A 293 15.84 -17.79 -7.64
CA ASP A 293 17.16 -17.53 -7.06
C ASP A 293 18.23 -17.50 -8.17
N ASN A 294 18.18 -18.51 -9.04
CA ASN A 294 19.22 -18.65 -10.04
C ASN A 294 19.07 -17.66 -11.22
N GLN A 295 17.85 -17.53 -11.74
CA GLN A 295 17.61 -16.78 -12.95
C GLN A 295 17.46 -15.27 -12.68
N ILE A 296 17.08 -14.85 -11.48
CA ILE A 296 16.85 -13.43 -11.21
C ILE A 296 17.71 -12.93 -10.08
N CYS A 297 17.52 -13.51 -8.88
CA CYS A 297 18.23 -12.97 -7.69
C CYS A 297 19.71 -12.82 -7.92
N HIS A 298 20.32 -13.87 -8.50
CA HIS A 298 21.75 -13.87 -8.63
C HIS A 298 22.26 -13.39 -10.01
N GLN A 299 21.41 -12.74 -10.78
CA GLN A 299 21.84 -12.20 -12.07
CA GLN A 299 21.78 -12.22 -12.08
C GLN A 299 21.99 -10.71 -11.96
N GLN A 300 22.69 -10.14 -12.94
CA GLN A 300 22.91 -8.71 -12.98
CA GLN A 300 22.91 -8.70 -12.99
C GLN A 300 21.67 -8.04 -13.54
N TRP A 301 21.14 -7.03 -12.81
CA TRP A 301 19.91 -6.37 -13.23
C TRP A 301 19.97 -5.79 -14.66
N ASP A 302 21.07 -5.11 -15.02
CA ASP A 302 21.14 -4.52 -16.35
C ASP A 302 21.00 -5.56 -17.47
N ILE A 303 21.60 -6.73 -17.26
CA ILE A 303 21.58 -7.86 -18.22
C ILE A 303 20.12 -8.27 -18.36
N LEU A 304 19.46 -8.59 -17.26
CA LEU A 304 18.07 -9.05 -17.30
C LEU A 304 17.16 -8.03 -17.94
N ASN A 305 17.31 -6.76 -17.54
CA ASN A 305 16.41 -5.73 -18.03
C ASN A 305 16.52 -5.60 -19.54
N GLY A 306 17.75 -5.70 -20.05
CA GLY A 306 17.93 -5.59 -21.48
C GLY A 306 17.44 -6.81 -22.22
N GLN A 307 17.46 -7.98 -21.56
CA GLN A 307 16.93 -9.20 -22.17
C GLN A 307 15.45 -9.30 -22.28
N TYR A 308 14.72 -8.69 -21.34
CA TYR A 308 13.28 -8.76 -21.29
C TYR A 308 12.74 -7.37 -21.18
N PRO A 309 12.94 -6.49 -22.18
N PRO A 309 12.88 -6.65 -22.30
CA PRO A 309 12.66 -5.06 -21.87
CA PRO A 309 12.24 -5.41 -22.50
C PRO A 309 11.18 -4.70 -21.74
C PRO A 309 10.74 -5.64 -22.34
N ASP A 310 10.33 -5.57 -22.31
N ASP A 310 10.12 -4.60 -21.84
CA ASP A 310 8.85 -5.51 -22.37
CA ASP A 310 8.71 -4.52 -21.81
C ASP A 310 8.17 -5.82 -21.06
C ASP A 310 8.11 -5.38 -20.73
N ASP A 311 8.93 -6.24 -20.06
CA ASP A 311 8.38 -6.93 -18.93
C ASP A 311 8.46 -6.04 -17.71
N GLU A 312 7.35 -5.34 -17.43
CA GLU A 312 7.32 -4.35 -16.38
C GLU A 312 7.41 -4.96 -15.03
N TYR A 313 7.23 -6.30 -14.88
CA TYR A 313 7.20 -6.86 -13.52
C TYR A 313 8.48 -7.58 -13.20
N LEU A 314 9.37 -7.68 -14.20
CA LEU A 314 10.63 -8.45 -14.06
C LEU A 314 11.43 -8.10 -12.81
N TYR A 315 11.53 -6.82 -12.50
CA TYR A 315 12.37 -6.41 -11.42
C TYR A 315 11.91 -7.03 -10.10
N GLN A 316 10.61 -7.42 -10.03
CA GLN A 316 10.06 -8.04 -8.80
C GLN A 316 10.22 -9.54 -8.73
N TYR A 317 10.78 -10.16 -9.78
CA TYR A 317 10.62 -11.64 -9.79
C TYR A 317 11.38 -12.36 -8.66
N CYS A 318 12.52 -11.85 -8.16
CA CYS A 318 13.22 -12.52 -7.03
C CYS A 318 12.26 -12.39 -5.84
N LEU A 319 11.73 -11.20 -5.59
CA LEU A 319 10.76 -10.98 -4.47
C LEU A 319 9.54 -11.88 -4.64
N LEU A 320 8.98 -11.97 -5.84
CA LEU A 320 7.71 -12.69 -6.00
C LEU A 320 7.91 -14.20 -5.81
N SER A 321 9.00 -14.76 -6.37
CA SER A 321 9.32 -16.18 -6.15
CA SER A 321 9.24 -16.20 -6.16
C SER A 321 9.42 -16.48 -4.67
N SER A 322 10.12 -15.59 -3.96
CA SER A 322 10.36 -15.72 -2.50
C SER A 322 9.02 -15.61 -1.76
N TYR A 323 8.19 -14.64 -2.12
CA TYR A 323 6.92 -14.39 -1.47
C TYR A 323 5.95 -15.56 -1.66
N TYR A 324 5.84 -16.12 -2.85
CA TYR A 324 4.92 -17.23 -3.05
C TYR A 324 5.36 -18.41 -2.21
N TYR A 325 6.67 -18.64 -2.13
CA TYR A 325 7.13 -19.77 -1.26
C TYR A 325 6.81 -19.47 0.17
N ALA A 326 7.10 -18.27 0.65
CA ALA A 326 6.83 -17.91 2.06
C ALA A 326 5.33 -18.12 2.33
N LEU A 327 4.46 -17.64 1.45
CA LEU A 327 3.04 -17.75 1.72
C LEU A 327 2.59 -19.24 1.69
N MET A 328 2.90 -19.96 0.62
CA MET A 328 2.38 -21.33 0.48
C MET A 328 3.03 -22.35 1.39
N VAL A 329 4.36 -22.29 1.49
CA VAL A 329 5.10 -23.32 2.24
C VAL A 329 5.17 -22.92 3.73
N ASP A 330 5.74 -21.73 4.04
CA ASP A 330 5.88 -21.32 5.45
C ASP A 330 4.58 -20.86 6.06
N GLY A 331 3.70 -20.29 5.26
CA GLY A 331 2.41 -19.83 5.79
C GLY A 331 1.43 -21.00 5.80
N TYR A 332 0.98 -21.45 4.64
CA TYR A 332 -0.05 -22.48 4.61
C TYR A 332 0.43 -23.86 5.08
N GLY A 333 1.73 -24.12 4.94
CA GLY A 333 2.27 -25.45 5.31
C GLY A 333 2.27 -26.41 4.15
N ILE A 334 2.02 -25.95 2.92
CA ILE A 334 2.03 -26.83 1.72
C ILE A 334 3.49 -27.37 1.54
N ASN A 335 3.61 -28.66 1.24
CA ASN A 335 4.95 -29.21 1.04
C ASN A 335 5.61 -28.52 -0.17
N PRO A 336 6.91 -28.25 -0.11
CA PRO A 336 7.50 -27.49 -1.24
C PRO A 336 7.62 -28.30 -2.52
N ASN A 337 7.34 -29.63 -2.48
CA ASN A 337 7.38 -30.48 -3.64
C ASN A 337 6.01 -30.85 -4.15
N GLN A 338 4.98 -30.29 -3.51
N GLN A 338 4.95 -30.36 -3.48
CA GLN A 338 3.61 -30.53 -3.89
CA GLN A 338 3.61 -30.68 -3.94
C GLN A 338 3.30 -29.75 -5.18
C GLN A 338 3.29 -29.80 -5.17
N THR A 339 2.69 -30.41 -6.19
CA THR A 339 2.31 -29.70 -7.42
C THR A 339 1.24 -28.63 -7.14
N ILE A 340 1.46 -27.44 -7.68
CA ILE A 340 0.49 -26.38 -7.67
C ILE A 340 0.11 -26.11 -9.12
N HIS A 341 -1.15 -26.35 -9.48
CA HIS A 341 -1.62 -26.03 -10.86
C HIS A 341 -1.88 -24.57 -10.93
N TYR A 342 -1.52 -23.93 -12.02
CA TYR A 342 -1.92 -22.55 -12.21
C TYR A 342 -2.73 -22.49 -13.48
N ILE A 343 -3.75 -21.66 -13.45
CA ILE A 343 -4.58 -21.56 -14.65
C ILE A 343 -3.76 -20.76 -15.66
N PRO A 344 -3.66 -21.23 -16.94
CA PRO A 344 -2.77 -20.52 -17.86
C PRO A 344 -3.17 -19.02 -17.90
N PRO A 345 -2.17 -18.10 -17.89
CA PRO A 345 -2.56 -16.69 -17.69
C PRO A 345 -3.36 -16.10 -18.86
N GLU A 346 -3.18 -16.65 -20.07
CA GLU A 346 -4.01 -16.24 -21.22
C GLU A 346 -5.53 -16.45 -20.98
N GLN A 347 -5.91 -17.26 -19.99
CA GLN A 347 -7.35 -17.42 -19.72
C GLN A 347 -7.91 -16.27 -18.93
N ASN A 348 -7.03 -15.52 -18.25
CA ASN A 348 -7.44 -14.37 -17.46
C ASN A 348 -8.58 -14.78 -16.53
N LEU A 349 -8.47 -15.96 -15.89
CA LEU A 349 -9.58 -16.50 -15.06
C LEU A 349 -9.60 -15.84 -13.72
N ASP A 350 -10.76 -15.27 -13.40
CA ASP A 350 -11.04 -14.67 -12.10
C ASP A 350 -12.25 -15.44 -11.47
N TRP A 351 -12.79 -14.90 -10.39
CA TRP A 351 -13.82 -15.58 -9.60
C TRP A 351 -15.22 -15.30 -10.13
N THR A 352 -15.37 -14.51 -11.21
CA THR A 352 -16.72 -14.03 -11.56
C THR A 352 -17.73 -15.11 -11.95
N ILE A 353 -17.30 -16.25 -12.53
CA ILE A 353 -18.24 -17.37 -12.82
C ILE A 353 -18.91 -17.83 -11.52
N GLY A 354 -18.22 -17.72 -10.38
CA GLY A 354 -18.87 -18.04 -9.07
C GLY A 354 -20.13 -17.27 -8.80
N VAL A 355 -20.19 -16.00 -9.21
CA VAL A 355 -21.37 -15.20 -8.97
C VAL A 355 -22.51 -15.74 -9.79
N VAL A 356 -22.24 -16.15 -11.03
CA VAL A 356 -23.32 -16.78 -11.86
C VAL A 356 -23.91 -18.00 -11.16
N LEU A 357 -23.03 -18.80 -10.57
CA LEU A 357 -23.45 -19.99 -9.84
C LEU A 357 -24.12 -19.70 -8.48
N HIS A 358 -23.89 -18.57 -7.83
N HIS A 358 -23.71 -18.64 -7.79
CA HIS A 358 -24.30 -18.51 -6.42
CA HIS A 358 -24.15 -18.34 -6.44
C HIS A 358 -25.48 -17.63 -6.06
C HIS A 358 -24.47 -16.85 -6.33
N ARG A 359 -25.68 -16.54 -6.80
CA ARG A 359 -26.44 -15.32 -6.39
C ARG A 359 -27.88 -15.62 -5.91
N ASP B 2 6.35 42.62 1.67
CA ASP B 2 6.52 43.55 0.48
C ASP B 2 5.53 43.30 -0.67
N THR B 3 5.23 44.34 -1.46
CA THR B 3 4.37 44.17 -2.63
C THR B 3 4.86 42.99 -3.51
N ASN B 4 5.97 43.17 -4.22
CA ASN B 4 6.58 41.98 -4.84
C ASN B 4 7.90 41.58 -4.17
N PRO B 5 7.82 40.58 -3.28
CA PRO B 5 8.98 40.29 -2.48
C PRO B 5 10.18 39.79 -3.33
N CYS B 6 9.89 39.18 -4.46
CA CYS B 6 10.94 38.55 -5.21
C CYS B 6 11.67 39.56 -6.07
N GLU B 7 11.22 40.81 -6.06
CA GLU B 7 12.03 41.87 -6.70
C GLU B 7 13.19 42.36 -5.82
N LYS B 8 13.14 42.07 -4.51
CA LYS B 8 14.16 42.56 -3.58
C LYS B 8 14.84 41.42 -2.82
N HIS B 9 14.41 40.21 -3.05
CA HIS B 9 15.01 39.04 -2.40
C HIS B 9 15.08 37.89 -3.37
N SER B 10 15.98 36.93 -3.14
CA SER B 10 15.94 35.66 -3.89
C SER B 10 14.70 34.87 -3.55
N CYS B 11 14.02 34.33 -4.58
CA CYS B 11 12.87 33.43 -4.35
C CYS B 11 13.01 32.15 -5.12
N ILE B 12 12.67 31.04 -4.46
CA ILE B 12 12.51 29.79 -5.18
C ILE B 12 11.21 29.13 -4.75
N ALA B 13 10.74 28.22 -5.59
CA ALA B 13 9.57 27.38 -5.26
C ALA B 13 10.04 25.94 -5.01
N VAL B 14 9.57 25.35 -3.93
CA VAL B 14 9.93 23.94 -3.63
C VAL B 14 8.58 23.24 -3.51
N ILE B 15 8.42 22.12 -4.22
CA ILE B 15 7.22 21.29 -4.14
C ILE B 15 7.57 19.99 -3.42
N ASP B 16 6.86 19.72 -2.34
CA ASP B 16 6.91 18.44 -1.63
C ASP B 16 5.84 17.57 -2.23
N ALA B 17 6.24 16.64 -3.10
CA ALA B 17 5.26 15.72 -3.73
C ALA B 17 5.22 14.46 -2.88
N GLY B 18 4.39 14.52 -1.83
CA GLY B 18 4.30 13.42 -0.84
C GLY B 18 3.28 12.37 -1.24
N SER B 19 3.20 11.31 -0.45
CA SER B 19 2.34 10.21 -0.82
C SER B 19 0.85 10.60 -0.79
N THR B 20 0.43 11.57 0.05
CA THR B 20 -0.98 11.85 0.21
C THR B 20 -1.36 13.15 -0.48
N GLY B 21 -0.39 13.91 -0.98
CA GLY B 21 -0.70 15.26 -1.51
C GLY B 21 0.58 15.96 -1.92
N SER B 22 0.42 17.07 -2.66
CA SER B 22 1.59 17.93 -2.99
C SER B 22 1.45 19.27 -2.35
N ARG B 23 2.57 19.84 -1.92
CA ARG B 23 2.57 21.16 -1.29
C ARG B 23 3.59 22.04 -1.97
N LEU B 24 3.10 23.12 -2.54
CA LEU B 24 3.93 24.19 -3.10
C LEU B 24 4.29 25.16 -2.00
N HIS B 25 5.57 25.49 -1.85
CA HIS B 25 6.02 26.58 -0.99
C HIS B 25 6.86 27.49 -1.82
N ILE B 26 6.62 28.80 -1.69
CA ILE B 26 7.49 29.79 -2.31
C ILE B 26 8.19 30.50 -1.17
N TYR B 27 9.53 30.53 -1.18
CA TYR B 27 10.34 31.15 -0.13
C TYR B 27 11.11 32.31 -0.68
N SER B 28 11.08 33.42 0.05
CA SER B 28 12.03 34.52 -0.16
C SER B 28 13.14 34.42 0.84
N TYR B 29 14.34 34.87 0.47
CA TYR B 29 15.45 34.86 1.41
C TYR B 29 16.51 35.82 0.92
N ASP B 30 17.42 36.12 1.85
CA ASP B 30 18.62 36.83 1.51
C ASP B 30 19.77 35.84 1.67
N THR B 31 21.00 36.29 1.43
CA THR B 31 22.13 35.39 1.66
C THR B 31 23.20 36.06 2.48
N ASP B 32 23.92 35.26 3.27
CA ASP B 32 25.04 35.81 4.04
C ASP B 32 26.30 35.86 3.17
N ASP B 33 27.45 36.19 3.77
CA ASP B 33 28.62 36.41 2.86
C ASP B 33 29.25 35.11 2.26
N THR B 34 28.73 33.95 2.67
CA THR B 34 29.02 32.66 1.98
C THR B 34 27.96 32.27 0.94
N ASN B 35 27.02 33.19 0.67
CA ASN B 35 25.88 32.94 -0.24
C ASN B 35 24.93 31.86 0.35
N THR B 36 24.93 31.70 1.70
CA THR B 36 23.94 30.82 2.34
C THR B 36 22.64 31.56 2.68
N PRO B 37 21.48 30.93 2.38
CA PRO B 37 20.22 31.65 2.70
C PRO B 37 20.04 31.96 4.19
N ILE B 38 19.57 33.18 4.43
CA ILE B 38 19.16 33.67 5.71
C ILE B 38 17.78 34.35 5.57
N HIS B 39 17.12 34.64 6.70
CA HIS B 39 15.84 35.39 6.66
C HIS B 39 14.86 34.72 5.70
N ILE B 40 14.79 33.39 5.75
CA ILE B 40 13.88 32.65 4.90
C ILE B 40 12.43 32.95 5.30
N GLU B 41 11.59 33.38 4.36
CA GLU B 41 10.16 33.68 4.66
C GLU B 41 9.30 32.92 3.68
N GLU B 42 8.27 32.25 4.15
CA GLU B 42 7.33 31.61 3.24
C GLU B 42 6.36 32.67 2.74
N ILE B 43 6.35 32.95 1.43
CA ILE B 43 5.48 34.00 0.90
C ILE B 43 4.21 33.44 0.29
N TRP B 44 4.18 32.13 0.05
CA TRP B 44 3.00 31.46 -0.45
C TRP B 44 3.09 29.97 -0.21
N ASN B 45 1.95 29.37 0.02
CA ASN B 45 1.85 27.94 -0.04
C ASN B 45 0.53 27.51 -0.64
N LYS B 46 0.54 26.33 -1.25
CA LYS B 46 -0.72 25.72 -1.62
C LYS B 46 -0.60 24.24 -1.45
N LYS B 47 -1.62 23.59 -0.90
CA LYS B 47 -1.59 22.15 -0.66
C LYS B 47 -2.73 21.57 -1.45
N ILE B 48 -2.46 20.53 -2.25
CA ILE B 48 -3.50 19.79 -2.94
C ILE B 48 -3.41 18.28 -2.65
N LYS B 49 -4.52 17.61 -2.90
CA LYS B 49 -4.60 16.16 -2.83
C LYS B 49 -5.22 15.67 -4.13
N PRO B 50 -5.02 14.40 -4.48
CA PRO B 50 -4.25 13.40 -3.79
C PRO B 50 -2.76 13.50 -4.13
N GLY B 51 -1.99 12.46 -3.85
CA GLY B 51 -0.59 12.45 -4.19
C GLY B 51 -0.33 12.33 -5.71
N PHE B 52 0.81 12.86 -6.13
CA PHE B 52 1.20 12.88 -7.54
C PHE B 52 1.29 11.45 -8.08
N ALA B 53 1.89 10.52 -7.30
CA ALA B 53 2.04 9.16 -7.76
C ALA B 53 0.69 8.42 -7.89
N SER B 54 -0.41 9.00 -7.38
CA SER B 54 -1.69 8.30 -7.45
CA SER B 54 -1.75 8.36 -7.41
C SER B 54 -2.48 8.65 -8.69
N ILE B 55 -1.99 9.64 -9.45
CA ILE B 55 -2.75 10.05 -10.65
C ILE B 55 -2.30 9.22 -11.85
N GLN B 56 -3.11 9.13 -12.88
CA GLN B 56 -2.69 8.47 -14.10
C GLN B 56 -1.71 9.44 -14.82
N PRO B 57 -0.55 8.93 -15.24
CA PRO B 57 0.46 9.73 -15.86
C PRO B 57 0.14 9.96 -17.36
N ASN B 58 -0.77 10.87 -17.66
CA ASN B 58 -0.97 11.25 -19.05
C ASN B 58 -1.02 12.79 -19.10
N SER B 59 -0.96 13.37 -20.30
CA SER B 59 -0.84 14.79 -20.40
C SER B 59 -2.05 15.55 -19.81
N VAL B 60 -3.28 15.06 -20.01
CA VAL B 60 -4.45 15.79 -19.53
C VAL B 60 -4.47 15.81 -17.99
N THR B 61 -4.24 14.67 -17.39
CA THR B 61 -4.26 14.56 -15.94
CA THR B 61 -4.26 14.58 -15.94
C THR B 61 -3.08 15.33 -15.25
N ILE B 62 -1.88 15.21 -15.82
CA ILE B 62 -0.71 15.96 -15.32
CA ILE B 62 -0.75 15.95 -15.28
C ILE B 62 -0.99 17.46 -15.43
N ASP B 63 -1.54 17.90 -16.56
CA ASP B 63 -1.81 19.34 -16.71
C ASP B 63 -2.82 19.78 -15.63
N ALA B 64 -3.92 19.02 -15.46
CA ALA B 64 -4.92 19.45 -14.49
C ALA B 64 -4.30 19.55 -13.12
N TYR B 65 -3.41 18.59 -12.79
CA TYR B 65 -2.84 18.55 -11.44
C TYR B 65 -1.85 19.70 -11.22
N LEU B 66 -0.92 19.90 -12.19
CA LEU B 66 0.03 20.98 -12.04
C LEU B 66 -0.61 22.35 -12.12
N THR B 67 -1.66 22.47 -12.91
CA THR B 67 -2.40 23.76 -12.93
C THR B 67 -3.04 24.05 -11.57
N MET B 68 -3.67 23.02 -10.97
CA MET B 68 -4.24 23.19 -9.64
C MET B 68 -3.18 23.58 -8.62
N LEU B 69 -2.00 22.95 -8.70
CA LEU B 69 -0.98 23.24 -7.73
C LEU B 69 -0.40 24.64 -7.91
N LEU B 70 -0.21 25.08 -9.16
CA LEU B 70 0.71 26.25 -9.41
C LEU B 70 0.00 27.52 -9.95
N ALA B 71 -1.08 27.34 -10.72
CA ALA B 71 -1.59 28.47 -11.54
C ALA B 71 -2.03 29.72 -10.78
N ASP B 72 -2.51 29.54 -9.55
CA ASP B 72 -2.99 30.69 -8.78
C ASP B 72 -1.92 31.33 -7.86
N ALA B 73 -0.67 30.86 -7.97
CA ALA B 73 0.39 31.46 -7.13
C ALA B 73 0.56 32.98 -7.41
N PRO B 74 0.81 33.82 -6.36
CA PRO B 74 0.84 35.27 -6.55
C PRO B 74 2.19 35.72 -7.17
N ILE B 75 3.13 34.79 -7.28
CA ILE B 75 4.46 35.07 -7.80
C ILE B 75 4.77 33.91 -8.66
N HIS B 76 5.34 34.21 -9.80
CA HIS B 76 5.92 33.18 -10.57
C HIS B 76 7.21 33.85 -11.15
N ASN B 77 7.66 33.31 -12.27
CA ASN B 77 8.93 33.59 -12.90
C ASN B 77 10.06 33.27 -11.95
N ILE B 78 9.97 32.10 -11.30
CA ILE B 78 11.00 31.71 -10.38
C ILE B 78 11.37 30.25 -10.57
N PRO B 79 12.54 29.90 -10.07
CA PRO B 79 12.98 28.47 -10.18
C PRO B 79 12.11 27.53 -9.32
N VAL B 80 11.87 26.35 -9.87
CA VAL B 80 11.05 25.32 -9.17
C VAL B 80 11.87 24.04 -8.95
N TYR B 81 11.83 23.54 -7.74
CA TYR B 81 12.36 22.23 -7.39
C TYR B 81 11.21 21.33 -7.06
N PHE B 82 10.98 20.31 -7.86
CA PHE B 82 9.87 19.38 -7.61
C PHE B 82 10.50 18.10 -7.08
N TYR B 83 10.30 17.81 -5.80
CA TYR B 83 10.94 16.63 -5.18
C TYR B 83 9.85 15.72 -4.65
N ALA B 84 9.77 14.51 -5.20
CA ALA B 84 8.79 13.55 -4.74
C ALA B 84 9.41 12.59 -3.73
N THR B 85 8.54 12.05 -2.88
CA THR B 85 9.00 11.24 -1.75
C THR B 85 8.42 9.84 -1.85
N ALA B 86 7.98 9.27 -0.72
CA ALA B 86 7.76 7.82 -0.67
C ALA B 86 6.67 7.33 -1.61
N GLY B 87 5.66 8.17 -1.94
CA GLY B 87 4.59 7.70 -2.84
C GLY B 87 5.26 7.29 -4.18
N MET B 88 6.16 8.11 -4.71
CA MET B 88 6.84 7.74 -5.94
C MET B 88 7.83 6.58 -5.70
N ARG B 89 8.49 6.53 -4.53
CA ARG B 89 9.44 5.43 -4.30
CA ARG B 89 9.41 5.41 -4.23
C ARG B 89 8.80 4.06 -4.28
N LEU B 90 7.49 3.99 -4.12
CA LEU B 90 6.81 2.69 -4.20
C LEU B 90 6.74 2.17 -5.66
N LEU B 91 7.06 3.02 -6.66
CA LEU B 91 7.02 2.61 -8.10
C LEU B 91 8.42 2.40 -8.62
N PRO B 92 8.62 1.45 -9.56
CA PRO B 92 9.92 1.27 -10.19
C PRO B 92 10.24 2.42 -11.11
N GLN B 93 11.56 2.62 -11.40
CA GLN B 93 12.01 3.67 -12.28
C GLN B 93 11.23 3.70 -13.57
N SER B 94 10.90 2.55 -14.17
CA SER B 94 10.16 2.53 -15.46
C SER B 94 8.82 3.23 -15.38
N GLN B 95 8.14 3.08 -14.24
CA GLN B 95 6.83 3.69 -14.06
CA GLN B 95 6.83 3.70 -14.06
C GLN B 95 6.97 5.18 -13.69
N GLN B 96 7.92 5.48 -12.80
CA GLN B 96 8.17 6.87 -12.42
C GLN B 96 8.53 7.69 -13.63
N LYS B 97 9.33 7.11 -14.54
CA LYS B 97 9.73 7.86 -15.79
C LYS B 97 8.54 8.40 -16.56
N LYS B 98 7.43 7.67 -16.58
CA LYS B 98 6.26 8.15 -17.28
C LYS B 98 5.77 9.48 -16.68
N TYR B 99 5.72 9.54 -15.37
CA TYR B 99 5.33 10.75 -14.66
C TYR B 99 6.28 11.89 -14.97
N TYR B 100 7.60 11.64 -14.88
CA TYR B 100 8.56 12.76 -15.07
C TYR B 100 8.64 13.18 -16.51
N ASP B 101 8.43 12.29 -17.47
CA ASP B 101 8.46 12.73 -18.90
C ASP B 101 7.26 13.65 -19.12
N GLU B 102 6.09 13.31 -18.58
CA GLU B 102 4.92 14.18 -18.73
C GLU B 102 5.12 15.50 -17.97
N LEU B 103 5.64 15.46 -16.76
CA LEU B 103 5.87 16.66 -15.98
C LEU B 103 6.87 17.57 -16.68
N ASP B 104 7.95 17.00 -17.19
CA ASP B 104 9.01 17.78 -17.83
C ASP B 104 8.36 18.49 -19.04
N TYR B 105 7.55 17.76 -19.82
CA TYR B 105 6.88 18.34 -21.01
C TYR B 105 6.00 19.50 -20.53
N TRP B 106 5.17 19.31 -19.49
CA TRP B 106 4.32 20.38 -19.00
C TRP B 106 5.13 21.63 -18.73
N PHE B 107 6.25 21.53 -18.01
CA PHE B 107 7.05 22.68 -17.72
C PHE B 107 7.66 23.33 -18.98
N ARG B 108 8.10 22.52 -19.92
CA ARG B 108 8.63 23.03 -21.20
C ARG B 108 7.60 23.77 -22.03
N GLN B 109 6.35 23.41 -21.85
CA GLN B 109 5.25 23.97 -22.62
C GLN B 109 4.72 25.25 -22.01
N GLN B 110 5.34 25.76 -20.96
CA GLN B 110 4.87 27.02 -20.38
C GLN B 110 6.08 27.91 -20.04
N SER B 111 5.80 29.14 -19.56
CA SER B 111 6.81 30.17 -19.41
C SER B 111 6.84 30.86 -18.03
N GLN B 112 5.96 30.47 -17.14
CA GLN B 112 5.82 31.14 -15.79
C GLN B 112 6.70 30.59 -14.68
N TRP B 113 7.15 29.35 -14.85
CA TRP B 113 7.98 28.68 -13.89
C TRP B 113 9.20 28.14 -14.60
N GLN B 114 10.35 28.22 -13.92
CA GLN B 114 11.58 27.74 -14.51
C GLN B 114 11.94 26.43 -13.75
N LEU B 115 11.67 25.26 -14.35
CA LEU B 115 11.92 24.00 -13.65
C LEU B 115 13.43 23.78 -13.56
N VAL B 116 13.95 23.57 -12.37
CA VAL B 116 15.37 23.30 -12.18
C VAL B 116 15.59 21.81 -12.04
N GLU B 117 14.79 21.17 -11.18
CA GLU B 117 14.88 19.74 -10.97
C GLU B 117 13.52 19.16 -10.72
N ALA B 118 13.24 17.95 -11.23
CA ALA B 118 12.02 17.21 -10.84
C ALA B 118 12.48 15.78 -10.73
N LYS B 119 12.47 15.27 -9.52
CA LYS B 119 12.96 13.92 -9.28
C LYS B 119 12.46 13.38 -8.00
N THR B 120 12.60 12.06 -7.87
CA THR B 120 12.28 11.38 -6.59
C THR B 120 13.54 11.42 -5.75
N ILE B 121 13.43 11.98 -4.56
CA ILE B 121 14.59 12.00 -3.66
C ILE B 121 14.60 10.71 -2.81
N THR B 122 15.80 10.32 -2.32
CA THR B 122 15.78 9.17 -1.43
C THR B 122 15.19 9.55 -0.07
N GLY B 123 14.86 8.52 0.74
CA GLY B 123 14.40 8.80 2.11
C GLY B 123 15.53 9.41 2.94
N ASN B 124 16.80 9.07 2.62
CA ASN B 124 17.94 9.67 3.36
C ASN B 124 18.04 11.17 3.05
N ASP B 125 17.83 11.53 1.77
CA ASP B 125 17.84 12.96 1.41
C ASP B 125 16.68 13.66 2.16
N GLU B 126 15.49 13.01 2.13
CA GLU B 126 14.30 13.59 2.78
C GLU B 126 14.57 13.79 4.27
N ALA B 127 15.24 12.80 4.91
CA ALA B 127 15.56 12.88 6.34
C ALA B 127 16.50 14.07 6.61
N LEU B 128 17.51 14.28 5.73
CA LEU B 128 18.37 15.47 5.91
C LEU B 128 17.51 16.74 5.84
N PHE B 129 16.64 16.84 4.83
CA PHE B 129 15.80 18.03 4.72
C PHE B 129 14.90 18.19 5.97
N ASP B 130 14.37 17.08 6.49
CA ASP B 130 13.52 17.12 7.70
C ASP B 130 14.30 17.78 8.83
N TRP B 131 15.55 17.35 9.04
CA TRP B 131 16.33 17.88 10.16
C TRP B 131 16.65 19.36 9.95
N LEU B 132 17.07 19.72 8.72
CA LEU B 132 17.35 21.11 8.41
C LEU B 132 16.17 22.00 8.60
N ALA B 133 15.00 21.58 8.10
CA ALA B 133 13.81 22.45 8.16
C ALA B 133 13.47 22.73 9.65
N VAL B 134 13.44 21.65 10.49
CA VAL B 134 13.04 21.82 11.88
C VAL B 134 14.07 22.69 12.60
N ASN B 135 15.34 22.40 12.40
CA ASN B 135 16.37 23.15 13.10
C ASN B 135 16.47 24.62 12.64
N TYR B 136 16.16 24.85 11.35
CA TYR B 136 16.04 26.23 10.91
C TYR B 136 14.96 26.96 11.70
N LYS B 137 13.77 26.32 11.81
CA LYS B 137 12.62 26.90 12.55
C LYS B 137 12.95 27.12 14.06
N LEU B 138 13.71 26.21 14.65
CA LEU B 138 14.14 26.32 16.05
C LEU B 138 15.31 27.31 16.28
N ASP B 139 15.89 27.81 15.19
CA ASP B 139 17.03 28.75 15.26
C ASP B 139 18.21 28.05 15.91
N THR B 140 18.36 26.76 15.66
CA THR B 140 19.49 26.09 16.21
C THR B 140 20.64 25.90 15.25
N LEU B 141 20.55 26.40 14.02
CA LEU B 141 21.64 26.21 13.07
C LEU B 141 22.78 27.25 13.12
N LYS B 142 22.49 28.44 13.70
CA LYS B 142 23.42 29.60 13.62
C LYS B 142 24.68 29.31 14.45
N SER B 143 24.45 28.65 15.59
CA SER B 143 25.49 28.44 16.62
C SER B 143 25.63 26.95 17.01
N VAL B 144 26.81 26.61 17.53
CA VAL B 144 27.12 25.23 17.96
C VAL B 144 26.24 24.90 19.18
N GLN B 145 25.42 23.84 19.08
CA GLN B 145 24.49 23.47 20.15
C GLN B 145 25.13 22.58 21.18
N ASN B 146 24.78 22.81 22.45
CA ASN B 146 25.16 21.86 23.50
C ASN B 146 24.08 20.82 23.78
N LYS B 147 23.05 20.81 22.94
CA LYS B 147 21.97 19.82 23.02
C LYS B 147 21.84 19.11 21.66
N SER B 148 21.57 17.82 21.71
CA SER B 148 21.34 17.07 20.51
C SER B 148 19.85 17.17 20.17
N VAL B 149 19.55 17.57 18.94
CA VAL B 149 18.15 17.65 18.44
C VAL B 149 17.91 16.51 17.46
N GLY B 150 16.91 15.71 17.71
CA GLY B 150 16.55 14.61 16.82
C GLY B 150 15.22 14.99 16.18
N VAL B 151 15.04 14.58 14.94
CA VAL B 151 13.79 14.84 14.23
C VAL B 151 13.23 13.53 13.70
N MET B 152 11.92 13.43 13.77
CA MET B 152 11.17 12.32 13.19
C MET B 152 10.10 12.86 12.26
N ASP B 153 10.02 12.37 11.05
CA ASP B 153 8.95 12.79 10.15
C ASP B 153 8.05 11.58 9.94
N MET B 154 6.79 11.72 10.37
CA MET B 154 5.83 10.62 10.39
C MET B 154 4.90 10.73 9.20
N GLY B 155 5.37 10.27 8.03
CA GLY B 155 4.62 10.39 6.81
C GLY B 155 3.62 9.29 6.50
N GLY B 156 2.98 9.38 5.35
CA GLY B 156 1.95 8.43 4.96
C GLY B 156 2.54 7.16 4.41
N ALA B 157 3.72 7.19 3.76
CA ALA B 157 4.28 5.99 3.13
C ALA B 157 5.66 5.63 3.70
N SER B 158 6.43 6.60 4.14
CA SER B 158 7.68 6.31 4.85
C SER B 158 7.69 7.14 6.15
N VAL B 159 8.61 6.76 7.07
CA VAL B 159 8.94 7.62 8.21
C VAL B 159 10.45 7.81 8.24
N GLN B 160 10.88 9.01 8.65
CA GLN B 160 12.30 9.28 8.71
C GLN B 160 12.68 9.53 10.17
N ILE B 161 13.93 9.21 10.51
CA ILE B 161 14.54 9.61 11.80
C ILE B 161 15.94 10.09 11.50
N VAL B 162 16.34 11.15 12.18
CA VAL B 162 17.61 11.76 11.89
C VAL B 162 18.11 12.43 13.15
N PHE B 163 19.39 12.24 13.46
CA PHE B 163 19.96 12.87 14.69
C PHE B 163 21.46 12.98 14.54
N PRO B 164 22.09 13.83 15.35
CA PRO B 164 23.55 13.99 15.25
C PRO B 164 24.27 12.68 15.57
N MET B 165 25.32 12.39 14.80
CA MET B 165 26.16 11.20 15.03
C MET B 165 27.48 11.47 14.33
N PRO B 166 28.63 11.35 15.07
CA PRO B 166 29.91 11.52 14.42
C PRO B 166 30.09 10.53 13.26
N LYS B 167 30.82 10.94 12.24
CA LYS B 167 31.11 10.05 11.10
C LYS B 167 31.69 8.70 11.61
N ASN B 168 31.11 7.57 11.16
CA ASN B 168 31.40 6.16 11.60
C ASN B 168 31.71 5.28 10.37
N ALA B 169 32.95 4.82 10.25
CA ALA B 169 33.37 3.92 9.18
C ALA B 169 32.62 2.59 9.09
N GLU B 170 31.86 2.24 10.12
CA GLU B 170 31.10 1.00 10.16
C GLU B 170 29.66 1.11 9.66
N ILE B 171 29.11 2.34 9.56
N ILE B 171 29.14 2.32 9.50
CA ILE B 171 27.72 2.56 9.09
CA ILE B 171 27.75 2.45 9.06
C ILE B 171 27.78 2.86 7.60
C ILE B 171 27.76 2.87 7.60
N SER B 172 26.80 2.37 6.80
CA SER B 172 26.67 2.75 5.39
C SER B 172 26.80 4.26 5.20
N LYS B 173 27.51 4.66 4.15
CA LYS B 173 27.65 6.06 3.77
C LYS B 173 26.30 6.64 3.47
N HIS B 174 25.36 5.80 3.04
CA HIS B 174 24.04 6.34 2.68
C HIS B 174 23.28 6.82 3.88
N ASN B 175 23.65 6.28 5.07
CA ASN B 175 22.96 6.69 6.32
C ASN B 175 23.67 7.79 7.09
N GLN B 176 24.66 8.45 6.48
CA GLN B 176 25.43 9.45 7.22
C GLN B 176 25.53 10.63 6.29
N VAL B 177 25.35 11.84 6.82
CA VAL B 177 25.48 13.08 6.02
CA VAL B 177 25.54 13.01 5.99
C VAL B 177 26.38 14.05 6.75
N GLU B 178 27.31 14.69 6.04
CA GLU B 178 28.14 15.70 6.64
C GLU B 178 27.79 17.01 5.91
N LEU B 179 27.49 18.05 6.64
CA LEU B 179 27.31 19.34 5.95
C LEU B 179 27.93 20.46 6.74
N ASN B 180 28.25 21.54 6.05
CA ASN B 180 28.78 22.71 6.66
C ASN B 180 27.80 23.79 6.39
N ILE B 181 27.24 24.34 7.46
CA ILE B 181 26.25 25.36 7.30
C ILE B 181 26.46 26.40 8.37
N TYR B 182 26.41 27.64 7.94
CA TYR B 182 26.69 28.76 8.79
C TYR B 182 28.02 28.58 9.49
N GLY B 183 28.98 28.02 8.75
CA GLY B 183 30.34 27.85 9.26
C GLY B 183 30.45 26.79 10.36
N GLN B 184 29.41 25.99 10.56
CA GLN B 184 29.58 24.81 11.39
C GLN B 184 29.50 23.47 10.66
N ASN B 185 30.20 22.48 11.20
CA ASN B 185 30.27 21.18 10.58
C ASN B 185 29.34 20.30 11.36
N ILE B 186 28.37 19.71 10.67
CA ILE B 186 27.33 18.89 11.28
C ILE B 186 27.30 17.53 10.61
N ASN B 187 27.30 16.51 11.45
CA ASN B 187 27.29 15.12 11.01
C ASN B 187 26.07 14.45 11.58
N LEU B 188 25.29 13.87 10.69
CA LEU B 188 23.99 13.30 11.03
C LEU B 188 23.89 11.86 10.64
N TYR B 189 23.20 11.07 11.43
CA TYR B 189 22.69 9.79 10.97
C TYR B 189 21.31 10.04 10.39
N VAL B 190 21.04 9.41 9.25
CA VAL B 190 19.73 9.48 8.62
C VAL B 190 19.19 8.10 8.29
N HIS B 191 17.88 7.90 8.43
CA HIS B 191 17.29 6.63 7.96
C HIS B 191 15.83 6.89 7.66
N SER B 192 15.37 6.26 6.61
CA SER B 192 13.97 6.29 6.24
C SER B 192 13.46 4.85 6.18
N PHE B 193 12.22 4.58 6.61
CA PHE B 193 11.67 3.24 6.56
C PHE B 193 10.47 3.24 5.64
N LEU B 194 10.70 2.78 4.41
CA LEU B 194 9.70 2.73 3.38
C LEU B 194 8.69 1.67 3.72
N GLY B 195 7.39 2.01 3.62
CA GLY B 195 6.35 1.05 3.99
C GLY B 195 5.91 1.18 5.42
N LEU B 196 6.63 1.94 6.26
CA LEU B 196 6.24 2.11 7.68
C LEU B 196 5.51 3.45 7.90
N GLY B 197 5.25 4.23 6.85
CA GLY B 197 4.32 5.37 6.97
C GLY B 197 2.92 4.89 7.33
N GLN B 198 2.08 5.80 7.77
CA GLN B 198 0.80 5.41 8.38
C GLN B 198 -0.12 4.70 7.41
N THR B 199 -0.17 5.14 6.13
CA THR B 199 -1.10 4.50 5.21
C THR B 199 -0.68 3.10 4.90
N GLU B 200 0.60 2.98 4.52
CA GLU B 200 1.12 1.69 4.13
C GLU B 200 1.10 0.72 5.32
N MET B 201 1.51 1.16 6.52
CA MET B 201 1.49 0.27 7.69
C MET B 201 0.06 -0.21 7.96
N SER B 202 -0.92 0.70 7.82
CA SER B 202 -2.28 0.39 8.25
C SER B 202 -2.85 -0.79 7.47
N HIS B 203 -2.38 -0.96 6.19
CA HIS B 203 -2.89 -2.00 5.27
C HIS B 203 -2.57 -3.38 5.83
N GLN B 204 -1.67 -3.48 6.80
CA GLN B 204 -1.39 -4.81 7.41
C GLN B 204 -2.23 -5.16 8.66
N PHE B 205 -3.05 -4.19 9.11
CA PHE B 205 -3.72 -4.34 10.39
C PHE B 205 -5.21 -4.10 10.34
N LEU B 206 -5.81 -4.05 9.17
CA LEU B 206 -7.21 -3.65 9.10
C LEU B 206 -8.15 -4.71 9.61
N ASN B 207 -7.69 -5.96 9.72
CA ASN B 207 -8.50 -7.02 10.30
C ASN B 207 -8.04 -7.39 11.71
N SER B 208 -7.33 -6.50 12.38
CA SER B 208 -6.90 -6.74 13.79
C SER B 208 -7.92 -6.12 14.74
N PRO B 209 -8.75 -6.97 15.42
CA PRO B 209 -9.78 -6.39 16.29
C PRO B 209 -9.18 -5.52 17.40
N SER B 210 -7.95 -5.76 17.85
CA SER B 210 -7.35 -4.96 18.94
CA SER B 210 -7.41 -4.94 18.96
C SER B 210 -7.07 -3.54 18.51
N CYS B 211 -7.07 -3.31 17.20
CA CYS B 211 -6.66 -2.00 16.67
C CYS B 211 -7.83 -1.06 16.38
N PHE B 212 -9.05 -1.47 16.70
CA PHE B 212 -10.21 -0.64 16.34
C PHE B 212 -11.18 -0.61 17.48
N ALA B 213 -12.04 0.41 17.55
CA ALA B 213 -13.02 0.53 18.64
C ALA B 213 -13.94 -0.70 18.68
N ASN B 214 -14.55 -0.96 19.86
CA ASN B 214 -15.44 -2.09 19.97
C ASN B 214 -16.58 -2.05 18.93
N ASP B 215 -16.80 -3.17 18.26
CA ASP B 215 -17.85 -3.31 17.24
C ASP B 215 -17.60 -2.53 15.95
N TYR B 216 -16.37 -1.98 15.78
CA TYR B 216 -16.01 -1.41 14.48
C TYR B 216 -16.12 -2.57 13.46
N PRO B 217 -16.73 -2.29 12.30
CA PRO B 217 -16.93 -3.37 11.32
C PRO B 217 -15.64 -3.61 10.47
N LEU B 218 -14.83 -4.59 10.88
CA LEU B 218 -13.60 -4.91 10.15
C LEU B 218 -14.00 -5.42 8.77
N PRO B 219 -13.11 -5.23 7.76
CA PRO B 219 -13.51 -5.61 6.38
C PRO B 219 -13.76 -7.11 6.20
N ASP B 220 -13.20 -7.98 7.05
CA ASP B 220 -13.43 -9.44 6.93
C ASP B 220 -14.69 -9.87 7.63
N GLY B 221 -15.44 -8.91 8.23
CA GLY B 221 -16.72 -9.29 8.88
C GLY B 221 -16.64 -9.55 10.36
N GLU B 222 -15.46 -9.48 10.95
CA GLU B 222 -15.32 -9.59 12.38
C GLU B 222 -15.50 -8.20 13.00
N SER B 223 -15.59 -8.15 14.32
CA SER B 223 -15.86 -6.91 15.09
C SER B 223 -14.62 -6.41 15.77
N GLY B 224 -14.42 -5.09 15.79
CA GLY B 224 -13.39 -4.51 16.60
C GLY B 224 -13.54 -4.88 18.06
N GLN B 225 -12.42 -4.93 18.78
CA GLN B 225 -12.43 -5.19 20.26
C GLN B 225 -11.18 -4.52 20.75
N GLY B 226 -11.19 -3.19 20.84
CA GLY B 226 -9.93 -2.44 20.90
C GLY B 226 -9.14 -2.67 22.15
N ASN B 227 -7.82 -2.71 21.98
CA ASN B 227 -6.98 -2.71 23.13
C ASN B 227 -5.60 -2.24 22.74
N ALA B 228 -5.26 -1.00 23.09
CA ALA B 228 -4.07 -0.38 22.52
C ALA B 228 -2.79 -1.15 22.82
N PRO B 229 -2.58 -1.64 24.08
CA PRO B 229 -1.33 -2.44 24.29
C PRO B 229 -1.22 -3.66 23.38
N SER B 230 -2.34 -4.31 23.08
CA SER B 230 -2.37 -5.47 22.21
C SER B 230 -2.10 -5.06 20.75
N CYS B 231 -2.73 -3.97 20.30
CA CYS B 231 -2.49 -3.48 18.93
C CYS B 231 -1.04 -3.09 18.82
N LYS B 232 -0.50 -2.42 19.81
CA LYS B 232 0.89 -2.00 19.80
C LYS B 232 1.78 -3.22 19.63
N GLU B 233 1.53 -4.32 20.34
CA GLU B 233 2.36 -5.48 20.18
C GLU B 233 2.29 -6.00 18.75
N GLU B 234 1.14 -5.98 18.12
CA GLU B 234 1.01 -6.41 16.70
C GLU B 234 1.86 -5.51 15.80
N VAL B 235 1.72 -4.20 15.96
CA VAL B 235 2.49 -3.30 15.09
C VAL B 235 3.99 -3.48 15.35
N THR B 236 4.38 -3.73 16.62
CA THR B 236 5.83 -3.95 16.89
C THR B 236 6.38 -5.13 16.07
N SER B 237 5.57 -6.18 15.86
CA SER B 237 6.07 -7.29 15.02
CA SER B 237 6.05 -7.27 15.01
C SER B 237 6.46 -6.81 13.60
N LEU B 238 5.69 -5.88 13.04
CA LEU B 238 6.07 -5.37 11.71
C LEU B 238 7.33 -4.49 11.89
N MET B 239 7.41 -3.66 12.94
CA MET B 239 8.59 -2.78 13.13
C MET B 239 9.85 -3.61 13.28
N ASN B 240 9.77 -4.65 14.13
CA ASN B 240 11.02 -5.29 14.55
C ASN B 240 11.24 -6.66 13.92
N SER B 241 10.23 -7.51 13.83
CA SER B 241 10.47 -8.80 13.21
C SER B 241 10.61 -8.68 11.71
N VAL B 242 9.93 -7.70 11.08
CA VAL B 242 10.06 -7.56 9.64
C VAL B 242 11.17 -6.54 9.35
N HIS B 243 10.98 -5.27 9.76
CA HIS B 243 11.92 -4.19 9.38
C HIS B 243 13.19 -4.09 10.24
N LYS B 244 13.23 -4.80 11.36
CA LYS B 244 14.39 -4.74 12.27
C LYS B 244 14.71 -3.27 12.70
N VAL B 245 13.66 -2.45 12.92
CA VAL B 245 13.89 -1.04 13.34
C VAL B 245 14.75 -1.03 14.62
N ASN B 246 14.41 -1.85 15.62
CA ASN B 246 15.14 -1.77 16.90
C ASN B 246 16.63 -2.07 16.74
N GLN B 247 16.94 -3.10 15.96
CA GLN B 247 18.33 -3.53 15.78
C GLN B 247 19.13 -2.44 15.05
N GLN B 248 18.50 -1.70 14.14
CA GLN B 248 19.24 -0.69 13.35
C GLN B 248 19.39 0.58 14.16
N ILE B 249 18.34 0.95 14.90
CA ILE B 249 18.33 2.32 15.51
C ILE B 249 18.79 2.35 16.96
N GLN B 250 18.34 1.40 17.75
CA GLN B 250 18.59 1.55 19.21
C GLN B 250 20.06 1.58 19.59
N PRO B 251 20.92 0.75 18.95
CA PRO B 251 22.35 0.85 19.40
C PRO B 251 22.95 2.22 19.11
N LEU B 252 22.49 2.86 18.02
CA LEU B 252 23.01 4.18 17.63
C LEU B 252 22.51 5.25 18.55
N LEU B 253 21.23 5.20 18.91
CA LEU B 253 20.71 6.23 19.85
C LEU B 253 21.30 6.04 21.22
N ALA B 254 21.63 4.81 21.59
CA ALA B 254 22.24 4.53 22.90
C ALA B 254 23.58 5.24 23.01
N LEU B 255 24.34 5.25 21.92
CA LEU B 255 25.65 5.92 21.87
C LEU B 255 25.60 7.44 21.55
N ASN B 256 24.46 7.92 21.00
CA ASN B 256 24.35 9.31 20.54
C ASN B 256 23.03 9.84 21.03
N PRO B 257 22.90 9.96 22.39
CA PRO B 257 21.56 10.32 22.86
C PRO B 257 21.05 11.63 22.34
N VAL B 258 19.73 11.67 22.17
CA VAL B 258 19.06 12.84 21.71
C VAL B 258 18.47 13.51 22.97
N ASN B 259 18.77 14.79 23.15
CA ASN B 259 18.18 15.55 24.23
C ASN B 259 16.80 16.13 23.99
N GLU B 260 16.49 16.51 22.74
N GLU B 260 16.51 16.48 22.72
CA GLU B 260 15.14 17.03 22.42
CA GLU B 260 15.18 17.05 22.35
C GLU B 260 14.67 16.39 21.12
C GLU B 260 14.68 16.39 21.09
N TRP B 261 13.48 15.82 21.13
CA TRP B 261 12.88 15.23 19.96
C TRP B 261 11.79 16.13 19.39
N TYR B 262 11.80 16.31 18.06
CA TYR B 262 10.75 17.05 17.41
C TYR B 262 10.18 16.14 16.35
N SER B 263 8.90 16.20 16.15
CA SER B 263 8.26 15.40 15.11
CA SER B 263 8.30 15.43 15.06
C SER B 263 7.43 16.29 14.19
N ILE B 264 7.46 15.95 12.93
CA ILE B 264 6.59 16.58 11.94
C ILE B 264 5.81 15.44 11.24
N GLY B 265 4.94 15.79 10.31
CA GLY B 265 4.10 14.82 9.64
C GLY B 265 2.80 14.57 10.36
N GLY B 266 2.26 13.38 10.13
CA GLY B 266 0.91 13.05 10.54
C GLY B 266 0.59 13.08 12.01
N ILE B 267 1.60 12.86 12.82
CA ILE B 267 1.41 12.82 14.25
C ILE B 267 0.88 14.15 14.79
N SER B 268 1.23 15.26 14.15
CA SER B 268 0.70 16.58 14.56
C SER B 268 -0.83 16.60 14.43
N ASN B 269 -1.33 16.00 13.35
CA ASN B 269 -2.78 16.00 13.18
C ASN B 269 -3.48 15.15 14.21
N LEU B 270 -2.87 14.03 14.60
CA LEU B 270 -3.49 13.11 15.55
CA LEU B 270 -3.53 13.14 15.56
C LEU B 270 -3.50 13.82 16.92
N ALA B 271 -2.33 14.38 17.29
CA ALA B 271 -2.17 14.90 18.65
C ALA B 271 -3.00 16.14 18.88
N SER B 272 -3.36 16.83 17.80
CA SER B 272 -4.13 18.08 17.84
CA SER B 272 -4.14 18.06 17.98
C SER B 272 -5.61 17.88 17.61
N SER B 273 -6.01 16.66 17.31
CA SER B 273 -7.40 16.35 16.98
C SER B 273 -8.30 16.54 18.22
N GLN B 274 -9.61 16.50 18.00
CA GLN B 274 -10.55 16.73 19.13
C GLN B 274 -10.59 15.60 20.13
N LEU B 275 -10.04 14.44 19.77
CA LEU B 275 -10.10 13.26 20.62
C LEU B 275 -8.97 13.23 21.64
N PHE B 276 -7.89 13.94 21.37
CA PHE B 276 -6.68 13.93 22.22
C PHE B 276 -6.51 15.27 22.89
N HIS B 277 -5.86 15.28 24.06
CA HIS B 277 -5.58 16.49 24.78
C HIS B 277 -4.11 16.53 25.20
N PHE B 278 -3.36 17.50 24.64
CA PHE B 278 -1.95 17.70 25.00
C PHE B 278 -1.73 19.16 25.12
N GLU B 279 -0.84 19.56 26.02
N GLU B 279 -0.85 19.55 26.03
CA GLU B 279 -0.49 20.95 26.11
CA GLU B 279 -0.52 20.96 26.24
C GLU B 279 0.87 21.20 25.51
C GLU B 279 0.87 21.22 25.67
N ASN B 280 1.13 22.49 25.28
CA ASN B 280 2.45 22.96 24.89
C ASN B 280 2.97 22.28 23.60
N SER B 281 2.08 21.75 22.76
CA SER B 281 2.47 21.12 21.51
C SER B 281 3.51 20.06 21.77
N GLU B 282 3.30 19.27 22.83
CA GLU B 282 4.15 18.14 23.04
C GLU B 282 3.38 17.00 23.66
N LEU B 283 3.92 15.81 23.48
CA LEU B 283 3.28 14.61 24.02
C LEU B 283 4.31 13.69 24.60
N THR B 284 3.84 12.62 25.29
CA THR B 284 4.73 11.52 25.63
C THR B 284 4.10 10.31 24.96
N ASN B 285 4.90 9.28 24.69
CA ASN B 285 4.28 8.06 24.14
C ASN B 285 3.34 7.39 25.16
N GLN B 286 3.72 7.45 26.47
CA GLN B 286 2.89 6.84 27.52
C GLN B 286 1.49 7.46 27.44
N SER B 287 1.42 8.81 27.35
CA SER B 287 0.14 9.48 27.35
C SER B 287 -0.62 9.26 26.04
N LEU B 288 0.10 9.28 24.92
CA LEU B 288 -0.51 9.02 23.64
C LEU B 288 -1.20 7.63 23.61
N LEU B 289 -0.52 6.59 24.09
CA LEU B 289 -1.09 5.25 24.08
C LEU B 289 -2.32 5.15 25.01
N GLN B 290 -2.21 5.75 26.21
N GLN B 290 -2.21 5.75 26.21
CA GLN B 290 -3.30 5.74 27.18
CA GLN B 290 -3.28 5.66 27.17
C GLN B 290 -4.52 6.45 26.60
C GLN B 290 -4.50 6.46 26.65
N GLN B 291 -4.31 7.65 26.03
CA GLN B 291 -5.45 8.39 25.51
C GLN B 291 -6.11 7.59 24.37
N GLY B 292 -5.31 7.03 23.44
CA GLY B 292 -5.93 6.26 22.37
C GLY B 292 -6.69 5.06 22.91
N ASP B 293 -6.13 4.39 23.90
CA ASP B 293 -6.75 3.21 24.48
C ASP B 293 -8.12 3.56 25.11
N ASN B 294 -8.16 4.66 25.88
CA ASN B 294 -9.37 4.95 26.62
C ASN B 294 -10.40 5.73 25.80
N GLN B 295 -9.93 6.62 24.92
CA GLN B 295 -10.84 7.51 24.21
C GLN B 295 -11.32 6.91 22.90
N ILE B 296 -10.62 5.87 22.35
CA ILE B 296 -11.04 5.27 21.09
C ILE B 296 -11.15 3.72 21.21
N CYS B 297 -10.08 3.06 21.64
CA CYS B 297 -10.02 1.57 21.55
C CYS B 297 -11.19 0.96 22.36
N HIS B 298 -11.38 1.45 23.61
CA HIS B 298 -12.35 0.92 24.57
C HIS B 298 -13.76 1.48 24.44
N GLN B 299 -13.99 2.26 23.41
CA GLN B 299 -15.32 2.86 23.18
C GLN B 299 -16.15 2.00 22.24
N GLN B 300 -17.44 2.24 22.20
CA GLN B 300 -18.30 1.58 21.23
CA GLN B 300 -18.27 1.56 21.22
C GLN B 300 -18.29 2.35 19.93
N TRP B 301 -17.95 1.69 18.82
CA TRP B 301 -17.76 2.45 17.57
C TRP B 301 -18.95 3.26 17.10
N ASP B 302 -20.16 2.68 17.06
CA ASP B 302 -21.33 3.43 16.57
C ASP B 302 -21.56 4.68 17.36
N ILE B 303 -21.44 4.56 18.67
CA ILE B 303 -21.67 5.65 19.61
CA ILE B 303 -21.72 5.68 19.54
C ILE B 303 -20.61 6.73 19.32
N LEU B 304 -19.32 6.32 19.32
CA LEU B 304 -18.22 7.29 19.19
C LEU B 304 -18.26 7.97 17.82
N ASN B 305 -18.47 7.19 16.76
CA ASN B 305 -18.61 7.76 15.38
C ASN B 305 -19.73 8.83 15.36
N GLY B 306 -20.86 8.54 15.98
CA GLY B 306 -21.95 9.51 15.98
C GLY B 306 -21.63 10.77 16.81
N GLN B 307 -20.82 10.64 17.89
CA GLN B 307 -20.42 11.80 18.71
C GLN B 307 -19.56 12.75 17.90
N TYR B 308 -18.68 12.18 17.05
CA TYR B 308 -17.63 12.98 16.33
C TYR B 308 -17.73 12.79 14.85
N PRO B 309 -18.79 13.32 14.26
CA PRO B 309 -19.00 13.02 12.84
C PRO B 309 -18.08 13.77 11.86
N ASP B 310 -17.28 14.71 12.40
CA ASP B 310 -16.60 15.71 11.53
C ASP B 310 -15.15 15.26 11.23
N ASP B 311 -14.79 14.12 11.82
CA ASP B 311 -13.43 13.62 11.77
C ASP B 311 -13.36 12.32 10.98
N GLU B 312 -12.89 12.39 9.73
N GLU B 312 -12.92 12.43 9.72
CA GLU B 312 -12.91 11.23 8.87
CA GLU B 312 -12.83 11.29 8.82
C GLU B 312 -11.71 10.35 9.20
C GLU B 312 -11.74 10.33 9.24
N TYR B 313 -10.89 10.78 10.15
CA TYR B 313 -9.72 10.04 10.50
C TYR B 313 -9.93 9.25 11.78
N LEU B 314 -11.01 9.59 12.48
CA LEU B 314 -11.29 9.02 13.77
C LEU B 314 -11.19 7.49 13.89
N TYR B 315 -11.72 6.79 12.89
CA TYR B 315 -11.83 5.34 13.04
C TYR B 315 -10.41 4.73 13.20
N GLN B 316 -9.33 5.43 12.80
CA GLN B 316 -7.96 4.90 12.84
C GLN B 316 -7.19 5.26 14.08
N TYR B 317 -7.77 6.04 14.99
CA TYR B 317 -6.98 6.61 16.09
C TYR B 317 -6.50 5.57 17.12
N CYS B 318 -7.21 4.43 17.28
CA CYS B 318 -6.70 3.35 18.17
C CYS B 318 -5.42 2.81 17.53
N LEU B 319 -5.53 2.49 16.24
CA LEU B 319 -4.41 1.93 15.52
C LEU B 319 -3.22 2.94 15.52
N LEU B 320 -3.49 4.22 15.18
CA LEU B 320 -2.39 5.17 15.05
C LEU B 320 -1.68 5.43 16.35
N SER B 321 -2.44 5.57 17.45
CA SER B 321 -1.77 5.81 18.72
CA SER B 321 -1.84 5.75 18.78
C SER B 321 -0.89 4.60 19.08
N SER B 322 -1.41 3.40 18.82
CA SER B 322 -0.67 2.15 19.03
C SER B 322 0.57 2.07 18.15
N TYR B 323 0.42 2.48 16.89
CA TYR B 323 1.54 2.42 15.94
C TYR B 323 2.64 3.40 16.30
N TYR B 324 2.26 4.63 16.67
CA TYR B 324 3.30 5.60 17.04
C TYR B 324 4.11 5.11 18.21
N TYR B 325 3.42 4.56 19.24
CA TYR B 325 4.14 3.97 20.37
C TYR B 325 5.04 2.84 19.91
N ALA B 326 4.51 1.92 19.09
CA ALA B 326 5.32 0.79 18.62
C ALA B 326 6.58 1.32 17.90
N LEU B 327 6.40 2.35 17.07
CA LEU B 327 7.52 2.84 16.28
C LEU B 327 8.55 3.57 17.18
N MET B 328 8.07 4.49 18.02
CA MET B 328 8.98 5.28 18.82
C MET B 328 9.59 4.56 20.00
N VAL B 329 8.76 3.80 20.71
CA VAL B 329 9.24 3.15 21.96
C VAL B 329 9.86 1.79 21.59
N ASP B 330 9.06 0.91 20.96
CA ASP B 330 9.57 -0.43 20.70
C ASP B 330 10.57 -0.48 19.53
N GLY B 331 10.42 0.43 18.58
CA GLY B 331 11.37 0.48 17.41
C GLY B 331 12.58 1.35 17.81
N TYR B 332 12.40 2.66 17.96
CA TYR B 332 13.54 3.55 18.20
C TYR B 332 14.12 3.47 19.60
N GLY B 333 13.35 2.91 20.54
CA GLY B 333 13.84 2.83 21.92
C GLY B 333 13.68 4.05 22.78
N ILE B 334 12.83 4.97 22.34
CA ILE B 334 12.61 6.20 23.08
C ILE B 334 11.88 5.86 24.37
N ASN B 335 12.25 6.53 25.48
CA ASN B 335 11.56 6.30 26.70
C ASN B 335 10.07 6.72 26.59
N PRO B 336 9.14 5.89 27.11
CA PRO B 336 7.73 6.26 26.98
C PRO B 336 7.42 7.56 27.68
N ASN B 337 8.28 8.03 28.60
CA ASN B 337 7.99 9.30 29.29
C ASN B 337 8.75 10.50 28.73
N GLN B 338 9.56 10.26 27.68
CA GLN B 338 10.28 11.41 27.11
CA GLN B 338 10.30 11.32 27.01
C GLN B 338 9.32 12.26 26.27
N THR B 339 9.43 13.57 26.49
CA THR B 339 8.67 14.53 25.70
C THR B 339 9.02 14.44 24.22
N ILE B 340 8.00 14.45 23.38
CA ILE B 340 8.17 14.56 21.92
C ILE B 340 7.42 15.83 21.52
N HIS B 341 8.17 16.83 21.05
CA HIS B 341 7.54 18.06 20.57
C HIS B 341 6.95 17.80 19.23
N TYR B 342 5.79 18.33 18.94
CA TYR B 342 5.24 18.22 17.56
C TYR B 342 4.94 19.62 17.06
N ILE B 343 5.06 19.81 15.77
CA ILE B 343 5.00 21.17 15.29
C ILE B 343 3.49 21.33 15.03
N PRO B 344 2.88 22.43 15.52
CA PRO B 344 1.44 22.62 15.29
C PRO B 344 1.07 22.53 13.80
N PRO B 345 -0.02 21.79 13.51
CA PRO B 345 -0.34 21.48 12.10
C PRO B 345 -0.70 22.72 11.27
N GLU B 346 -1.15 23.78 11.94
CA GLU B 346 -1.52 25.05 11.31
C GLU B 346 -0.31 25.63 10.60
N GLN B 347 0.90 25.28 11.03
CA GLN B 347 2.09 25.72 10.34
C GLN B 347 2.37 25.02 9.00
N ASN B 348 1.72 23.87 8.79
CA ASN B 348 1.89 23.12 7.57
C ASN B 348 3.36 22.86 7.31
N LEU B 349 4.16 22.66 8.39
CA LEU B 349 5.64 22.58 8.25
C LEU B 349 6.01 21.20 7.68
N ASP B 350 6.78 21.19 6.59
CA ASP B 350 7.31 19.98 6.00
C ASP B 350 8.82 20.22 5.87
N TRP B 351 9.49 19.38 5.05
CA TRP B 351 10.92 19.44 4.93
C TRP B 351 11.43 20.47 3.89
N THR B 352 10.54 21.21 3.21
CA THR B 352 10.97 22.03 2.07
C THR B 352 11.98 23.14 2.41
N ILE B 353 11.95 23.73 3.60
CA ILE B 353 12.98 24.73 3.95
C ILE B 353 14.37 24.10 3.80
N GLY B 354 14.49 22.80 4.10
CA GLY B 354 15.82 22.15 3.93
C GLY B 354 16.38 22.31 2.53
N VAL B 355 15.50 22.29 1.51
CA VAL B 355 15.94 22.43 0.10
C VAL B 355 16.48 23.85 -0.09
N VAL B 356 15.82 24.83 0.48
CA VAL B 356 16.33 26.20 0.38
C VAL B 356 17.77 26.23 0.83
N LEU B 357 18.05 25.58 1.97
CA LEU B 357 19.37 25.62 2.61
C LEU B 357 20.44 24.72 1.93
N HIS B 358 19.99 23.67 1.26
CA HIS B 358 20.88 22.57 0.77
C HIS B 358 20.41 22.03 -0.56
N ARG B 359 21.09 22.45 -1.63
CA ARG B 359 20.68 22.07 -3.02
C ARG B 359 21.24 20.78 -3.54
N ALA B 360 22.21 20.21 -2.83
CA ALA B 360 22.71 18.88 -3.20
C ALA B 360 21.74 17.72 -2.82
N LEU B 361 21.91 16.59 -3.51
CA LEU B 361 21.27 15.29 -3.16
C LEU B 361 22.33 14.19 -3.23
N GLU B 362 22.04 13.03 -2.62
CA GLU B 362 22.99 11.88 -2.57
C GLU B 362 23.38 11.30 -3.91
#